data_4ELK
#
_entry.id   4ELK
#
_cell.length_a   73.220
_cell.length_b   101.530
_cell.length_c   134.490
_cell.angle_alpha   90.00
_cell.angle_beta   90.00
_cell.angle_gamma   90.00
#
_symmetry.space_group_name_H-M   'P 21 21 21'
#
loop_
_entity.id
_entity.type
_entity.pdbx_description
1 polymer 'Hy19.3 TCR alpha chain (mouse variable domain, human constant domain)'
2 polymer 'Hy19.3 TCR beta chain (mouse variable domain, human constant domain)'
3 non-polymer 'ACETATE ION'
4 non-polymer 'FORMIC ACID'
5 non-polymer 'MALONATE ION'
6 water water
#
loop_
_entity_poly.entity_id
_entity_poly.type
_entity_poly.pdbx_seq_one_letter_code
_entity_poly.pdbx_strand_id
1 'polypeptide(L)'
;MQQKVQQSPESLSVPEGGMASLNCTSSDRNFQYFWWYRQHSGEGPKALMSIFSDGDKKEGRFTAHLNKASLHVSLHIRDS
QPSDSALYFCAASEQNNYAQGLTFGLGTRVSVFPYIQNPDPAVYQLRDSKSSDKSVCLFTDFDSQTNVSQSKDSDVYITD
KCVLDMRSMDFKSNSAVAWSNKSDFACANAFNNSIIPEDTFFPSPESS
;
A,C
2 'polypeptide(L)'
;MGPKVLQIPSHQIIDMGQMVTLNCDPVSNHLYFYWYKQILGQQMEFLVNFYNGKVMEKSKLFKDQFSVERPDGSYFTLKI
QPTALEDSAVYFCASSFWGAYAEQFFGPGTRLTVLEDLRNVTPPKVSLFEPSKAEISHTQKATLVCLATGFYPDHVELSW
WVNGKEVHSGVCTDPQPLKEQPALNDSRYSLSSRLRVSATFWQNPRNHFRCQVQFYGLSENDEWTQDRAKPVTQIVSAEA
WGRA
;
B,D
#
loop_
_chem_comp.id
_chem_comp.type
_chem_comp.name
_chem_comp.formula
ACT non-polymer 'ACETATE ION' 'C2 H3 O2 -1'
FMT non-polymer 'FORMIC ACID' 'C H2 O2'
MLI non-polymer 'MALONATE ION' 'C3 H2 O4 -2'
#
# COMPACT_ATOMS: atom_id res chain seq x y z
N GLN A 3 19.63 -2.32 9.92
CA GLN A 3 18.52 -1.55 10.48
C GLN A 3 18.13 -2.07 11.85
N LYS A 4 18.53 -1.33 12.88
CA LYS A 4 18.30 -1.71 14.26
C LYS A 4 16.82 -1.63 14.61
N VAL A 5 16.15 -0.59 14.15
CA VAL A 5 14.75 -0.37 14.48
C VAL A 5 13.93 -0.56 13.22
N GLN A 6 12.98 -1.49 13.28
CA GLN A 6 12.21 -1.87 12.11
C GLN A 6 10.75 -1.51 12.27
N GLN A 7 10.21 -0.80 11.29
CA GLN A 7 8.85 -0.31 11.39
C GLN A 7 8.00 -0.89 10.28
N SER A 8 6.72 -1.02 10.56
CA SER A 8 5.74 -1.40 9.56
C SER A 8 4.39 -0.79 9.95
N PRO A 9 3.51 -0.56 8.95
CA PRO A 9 3.78 -0.79 7.53
C PRO A 9 4.62 0.34 6.94
N GLU A 10 5.04 0.20 5.69
CA GLU A 10 5.81 1.23 5.01
C GLU A 10 4.99 2.52 4.86
N SER A 11 3.70 2.37 4.60
CA SER A 11 2.81 3.51 4.49
C SER A 11 1.39 3.08 4.79
N LEU A 12 0.49 4.04 5.00
CA LEU A 12 -0.86 3.70 5.42
C LEU A 12 -1.83 4.83 5.08
N SER A 13 -2.98 4.47 4.50
CA SER A 13 -4.05 5.42 4.22
C SER A 13 -5.19 5.20 5.20
N VAL A 14 -5.69 6.30 5.75
CA VAL A 14 -6.68 6.26 6.81
C VAL A 14 -7.75 7.29 6.51
N PRO A 15 -9.02 6.86 6.49
CA PRO A 15 -10.10 7.84 6.32
C PRO A 15 -10.11 8.79 7.51
N GLU A 16 -10.51 10.03 7.33
CA GLU A 16 -10.73 10.93 8.45
C GLU A 16 -11.71 10.28 9.42
N GLY A 17 -11.43 10.37 10.70
CA GLY A 17 -12.26 9.75 11.71
C GLY A 17 -11.86 8.32 11.98
N GLY A 18 -10.95 7.77 11.18
CA GLY A 18 -10.57 6.37 11.30
C GLY A 18 -9.40 6.08 12.23
N MET A 19 -9.06 4.79 12.31
N MET A 19 -9.04 4.81 12.31
CA MET A 19 -8.04 4.26 13.21
CA MET A 19 -8.01 4.34 13.24
C MET A 19 -6.80 3.88 12.41
C MET A 19 -6.84 3.71 12.49
N ALA A 20 -5.65 3.83 13.08
CA ALA A 20 -4.43 3.38 12.43
C ALA A 20 -3.53 2.71 13.45
N SER A 21 -2.81 1.69 13.01
CA SER A 21 -1.92 0.96 13.89
C SER A 21 -0.56 0.90 13.25
N LEU A 22 0.45 1.36 13.98
CA LEU A 22 1.81 1.35 13.49
C LEU A 22 2.58 0.42 14.39
N ASN A 23 3.51 -0.32 13.81
CA ASN A 23 4.23 -1.30 14.59
C ASN A 23 5.69 -1.02 14.51
N CYS A 24 6.42 -1.45 15.53
CA CYS A 24 7.86 -1.21 15.59
C CYS A 24 8.53 -2.34 16.36
N THR A 25 9.75 -2.67 15.96
CA THR A 25 10.55 -3.65 16.69
C THR A 25 12.01 -3.23 16.67
N SER A 26 12.78 -3.77 17.60
CA SER A 26 14.22 -3.65 17.57
C SER A 26 14.86 -5.03 17.43
N SER A 27 15.87 -5.14 16.58
CA SER A 27 16.62 -6.39 16.44
C SER A 27 17.74 -6.48 17.48
N ASP A 28 17.76 -5.52 18.41
CA ASP A 28 18.83 -5.39 19.40
C ASP A 28 18.21 -5.18 20.78
N ARG A 29 18.35 -6.16 21.65
CA ARG A 29 17.70 -6.11 22.96
C ARG A 29 18.19 -4.96 23.83
N ASN A 30 19.31 -4.35 23.45
CA ASN A 30 19.87 -3.25 24.22
C ASN A 30 19.01 -2.00 24.14
N PHE A 31 18.37 -1.79 22.99
CA PHE A 31 17.48 -0.66 22.80
C PHE A 31 16.08 -1.00 23.30
N GLN A 32 15.78 -0.59 24.53
CA GLN A 32 14.52 -0.96 25.16
C GLN A 32 13.66 0.27 25.52
N TYR A 33 14.15 1.46 25.22
CA TYR A 33 13.45 2.71 25.52
C TYR A 33 13.03 3.41 24.25
N PHE A 34 11.73 3.48 24.01
CA PHE A 34 11.21 3.89 22.71
C PHE A 34 10.47 5.20 22.72
N TRP A 35 10.50 5.89 21.57
CA TRP A 35 9.79 7.13 21.37
C TRP A 35 9.03 7.03 20.06
N TRP A 36 7.87 7.68 20.00
CA TRP A 36 7.22 7.90 18.73
C TRP A 36 7.31 9.37 18.40
N TYR A 37 7.79 9.68 17.20
CA TYR A 37 7.95 11.05 16.75
C TYR A 37 7.15 11.22 15.47
N ARG A 38 6.64 12.43 15.24
CA ARG A 38 5.92 12.73 14.02
C ARG A 38 6.64 13.86 13.28
N GLN A 39 6.68 13.80 11.95
CA GLN A 39 7.31 14.85 11.16
C GLN A 39 6.44 15.28 9.99
N HIS A 40 5.97 16.53 9.99
CA HIS A 40 5.25 17.09 8.85
C HIS A 40 6.22 17.55 7.78
N SER A 41 5.74 17.61 6.54
CA SER A 41 6.57 18.07 5.43
C SER A 41 7.16 19.42 5.75
N GLY A 42 8.47 19.55 5.62
CA GLY A 42 9.13 20.83 5.80
C GLY A 42 9.37 21.22 7.24
N GLU A 43 9.18 20.29 8.17
CA GLU A 43 9.47 20.56 9.57
C GLU A 43 10.38 19.49 10.16
N GLY A 44 10.77 19.68 11.41
CA GLY A 44 11.53 18.68 12.13
C GLY A 44 10.57 17.77 12.87
N PRO A 45 11.07 16.61 13.30
CA PRO A 45 10.33 15.65 14.13
C PRO A 45 9.90 16.28 15.45
N LYS A 46 8.77 15.81 15.96
CA LYS A 46 8.22 16.29 17.22
C LYS A 46 7.77 15.05 17.97
N ALA A 47 8.25 14.89 19.19
CA ALA A 47 7.88 13.75 20.00
C ALA A 47 6.37 13.73 20.18
N LEU A 48 5.77 12.57 20.03
CA LEU A 48 4.37 12.37 20.38
C LEU A 48 4.29 11.90 21.81
N MET A 49 5.08 10.86 22.11
CA MET A 49 5.13 10.28 23.44
C MET A 49 6.29 9.32 23.49
N SER A 50 6.73 9.01 24.70
CA SER A 50 7.70 7.98 24.92
C SER A 50 6.98 6.79 25.53
N ILE A 51 7.58 5.62 25.42
CA ILE A 51 7.11 4.49 26.20
C ILE A 51 8.30 3.64 26.63
N PHE A 52 8.56 3.65 27.94
CA PHE A 52 9.74 2.98 28.50
C PHE A 52 9.39 1.73 29.32
N SER A 53 8.12 1.54 29.65
CA SER A 53 7.72 0.38 30.46
C SER A 53 6.65 -0.43 29.73
N ASP A 54 6.65 -1.74 29.94
CA ASP A 54 5.58 -2.62 29.42
C ASP A 54 4.19 -2.04 29.66
N GLY A 55 3.34 -2.08 28.66
CA GLY A 55 1.94 -1.72 28.85
C GLY A 55 1.47 -0.68 27.86
N ASP A 56 0.40 0.02 28.22
CA ASP A 56 -0.21 1.02 27.36
C ASP A 56 -0.03 2.39 27.99
N LYS A 57 0.17 3.40 27.14
CA LYS A 57 0.20 4.79 27.56
C LYS A 57 -0.70 5.55 26.60
N LYS A 58 -1.36 6.59 27.11
CA LYS A 58 -2.27 7.40 26.29
C LYS A 58 -1.87 8.87 26.33
N GLU A 59 -1.96 9.51 25.18
CA GLU A 59 -1.77 10.94 25.03
C GLU A 59 -2.78 11.39 23.98
N GLY A 60 -3.92 11.90 24.44
CA GLY A 60 -4.94 12.38 23.51
C GLY A 60 -5.50 11.24 22.71
N ARG A 61 -5.51 11.38 21.39
CA ARG A 61 -6.06 10.34 20.51
C ARG A 61 -5.02 9.24 20.24
N PHE A 62 -3.85 9.34 20.86
CA PHE A 62 -2.77 8.42 20.58
C PHE A 62 -2.54 7.46 21.73
N THR A 63 -2.30 6.19 21.40
CA THR A 63 -1.97 5.19 22.42
C THR A 63 -0.76 4.35 22.03
N ALA A 64 0.25 4.34 22.89
CA ALA A 64 1.43 3.52 22.65
C ALA A 64 1.40 2.24 23.47
N HIS A 65 1.90 1.16 22.91
CA HIS A 65 2.00 -0.11 23.64
C HIS A 65 3.40 -0.71 23.52
N LEU A 66 3.94 -1.21 24.63
CA LEU A 66 5.23 -1.86 24.64
C LEU A 66 5.18 -3.21 25.33
N ASN A 67 5.82 -4.20 24.71
CA ASN A 67 6.12 -5.47 25.36
C ASN A 67 7.61 -5.73 25.20
N LYS A 68 8.36 -5.51 26.27
CA LYS A 68 9.82 -5.57 26.23
C LYS A 68 10.29 -6.99 25.93
N ALA A 69 9.63 -7.97 26.52
CA ALA A 69 9.99 -9.36 26.33
C ALA A 69 10.19 -9.65 24.85
N SER A 70 9.23 -9.24 24.03
CA SER A 70 9.32 -9.46 22.59
C SER A 70 9.81 -8.22 21.84
N LEU A 71 10.06 -7.14 22.57
CA LEU A 71 10.39 -5.87 21.94
C LEU A 71 9.41 -5.55 20.82
N HIS A 72 8.12 -5.55 21.15
CA HIS A 72 7.09 -5.07 20.24
C HIS A 72 6.64 -3.73 20.77
N VAL A 73 6.60 -2.74 19.88
CA VAL A 73 6.11 -1.42 20.22
C VAL A 73 5.09 -1.06 19.16
N SER A 74 4.04 -0.34 19.54
CA SER A 74 3.11 0.14 18.55
C SER A 74 2.53 1.49 18.93
N LEU A 75 1.98 2.15 17.92
CA LEU A 75 1.23 3.38 18.11
C LEU A 75 -0.14 3.17 17.51
N HIS A 76 -1.17 3.56 18.25
CA HIS A 76 -2.53 3.40 17.79
C HIS A 76 -3.17 4.78 17.74
N ILE A 77 -3.60 5.20 16.56
CA ILE A 77 -4.26 6.50 16.41
C ILE A 77 -5.78 6.35 16.30
N ARG A 78 -6.50 7.09 17.12
CA ARG A 78 -7.96 7.11 17.05
C ARG A 78 -8.48 8.41 16.43
N ASP A 79 -9.60 8.34 15.74
CA ASP A 79 -10.28 9.52 15.24
C ASP A 79 -9.33 10.40 14.40
N SER A 80 -8.70 9.81 13.39
CA SER A 80 -7.66 10.48 12.62
C SER A 80 -8.13 11.80 12.00
N GLN A 81 -7.28 12.81 12.09
CA GLN A 81 -7.54 14.16 11.62
C GLN A 81 -6.64 14.40 10.43
N PRO A 82 -7.01 15.34 9.55
CA PRO A 82 -6.15 15.67 8.40
C PRO A 82 -4.74 16.07 8.83
N SER A 83 -4.63 16.72 9.98
CA SER A 83 -3.35 17.18 10.47
C SER A 83 -2.49 16.02 11.00
N ASP A 84 -3.05 14.82 11.05
CA ASP A 84 -2.27 13.63 11.41
C ASP A 84 -1.48 13.09 10.24
N SER A 85 -1.71 13.60 9.03
CA SER A 85 -0.95 13.14 7.88
C SER A 85 0.50 13.56 8.07
N ALA A 86 1.41 12.60 8.13
CA ALA A 86 2.78 12.88 8.50
C ALA A 86 3.62 11.63 8.40
N LEU A 87 4.93 11.79 8.53
CA LEU A 87 5.82 10.63 8.61
C LEU A 87 5.97 10.28 10.09
N TYR A 88 5.75 9.02 10.47
CA TYR A 88 5.80 8.62 11.87
C TYR A 88 7.00 7.75 12.15
N PHE A 89 7.88 8.21 13.04
CA PHE A 89 9.08 7.45 13.35
C PHE A 89 9.02 6.79 14.71
N CYS A 90 9.47 5.54 14.74
CA CYS A 90 9.80 4.87 15.97
C CYS A 90 11.27 5.18 16.23
N ALA A 91 11.60 5.64 17.44
CA ALA A 91 13.00 5.90 17.76
C ALA A 91 13.34 5.23 19.08
N ALA A 92 14.56 4.76 19.23
CA ALA A 92 14.91 4.04 20.44
C ALA A 92 16.27 4.50 20.93
N SER A 93 16.52 4.27 22.21
CA SER A 93 17.81 4.56 22.79
C SER A 93 18.19 3.42 23.73
N GLU A 94 19.48 3.27 23.98
CA GLU A 94 19.96 2.17 24.82
C GLU A 94 19.94 2.61 26.27
N GLN A 95 19.76 1.66 27.18
CA GLN A 95 19.99 1.94 28.59
C GLN A 95 21.46 2.28 28.80
N ASN A 96 21.74 3.54 29.13
CA ASN A 96 23.11 4.06 29.28
C ASN A 96 23.49 4.95 28.11
N ALA A 99 24.37 10.42 27.40
CA ALA A 99 23.37 10.72 26.39
C ALA A 99 23.82 10.29 25.00
N GLN A 100 22.93 9.58 24.30
CA GLN A 100 23.23 9.05 22.98
C GLN A 100 22.25 9.67 22.01
N GLY A 101 22.60 9.66 20.73
CA GLY A 101 21.68 10.09 19.71
C GLY A 101 20.60 9.03 19.64
N LEU A 102 19.42 9.37 19.14
CA LEU A 102 18.37 8.39 18.90
C LEU A 102 18.69 7.59 17.66
N THR A 103 18.22 6.36 17.65
CA THR A 103 18.22 5.54 16.45
C THR A 103 16.79 5.46 15.94
N PHE A 104 16.57 5.86 14.69
CA PHE A 104 15.23 5.92 14.12
C PHE A 104 14.96 4.75 13.18
N GLY A 105 13.70 4.35 13.09
CA GLY A 105 13.26 3.41 12.07
C GLY A 105 13.08 4.21 10.80
N LEU A 106 12.76 3.54 9.69
CA LEU A 106 12.60 4.22 8.40
C LEU A 106 11.34 5.06 8.34
N GLY A 107 10.45 4.88 9.30
CA GLY A 107 9.23 5.68 9.37
C GLY A 107 8.05 5.07 8.62
N THR A 108 6.84 5.42 9.04
CA THR A 108 5.62 5.05 8.32
C THR A 108 4.92 6.32 7.85
N ARG A 109 4.68 6.43 6.55
CA ARG A 109 4.01 7.62 6.03
C ARG A 109 2.50 7.42 6.07
N VAL A 110 1.82 8.23 6.88
CA VAL A 110 0.38 8.12 7.08
C VAL A 110 -0.32 9.25 6.35
N SER A 111 -1.33 8.91 5.54
CA SER A 111 -2.15 9.89 4.85
C SER A 111 -3.58 9.74 5.31
N VAL A 112 -4.15 10.81 5.83
CA VAL A 112 -5.54 10.81 6.25
C VAL A 112 -6.32 11.42 5.10
N PHE A 113 -7.27 10.67 4.54
CA PHE A 113 -7.98 11.14 3.36
C PHE A 113 -9.44 11.43 3.67
N PRO A 114 -10.01 12.40 2.95
CA PRO A 114 -11.40 12.78 3.10
C PRO A 114 -12.31 11.76 2.45
N TYR A 115 -13.47 11.54 3.04
CA TYR A 115 -14.51 10.74 2.40
C TYR A 115 -15.23 11.68 1.43
N ILE A 116 -15.20 11.36 0.14
CA ILE A 116 -15.84 12.22 -0.85
C ILE A 116 -17.32 11.85 -0.91
N GLN A 117 -18.17 12.73 -0.39
CA GLN A 117 -19.59 12.45 -0.24
C GLN A 117 -20.30 12.25 -1.58
N ASN A 118 -20.14 13.23 -2.46
CA ASN A 118 -20.77 13.19 -3.77
C ASN A 118 -19.73 13.30 -4.89
N PRO A 119 -19.04 12.19 -5.19
CA PRO A 119 -17.93 12.25 -6.15
C PRO A 119 -18.42 12.67 -7.53
N ASP A 120 -17.63 13.50 -8.20
CA ASP A 120 -18.01 14.02 -9.51
C ASP A 120 -16.81 14.04 -10.44
N PRO A 121 -16.20 12.88 -10.67
CA PRO A 121 -14.90 12.88 -11.36
C PRO A 121 -14.99 13.58 -12.70
N ALA A 122 -13.98 14.39 -13.03
CA ALA A 122 -13.93 15.08 -14.30
C ALA A 122 -12.50 15.46 -14.67
N VAL A 123 -12.23 15.57 -15.97
CA VAL A 123 -10.96 16.10 -16.44
C VAL A 123 -11.24 17.36 -17.24
N TYR A 124 -10.65 18.47 -16.81
CA TYR A 124 -10.85 19.75 -17.47
C TYR A 124 -9.56 20.24 -18.09
N GLN A 125 -9.69 21.08 -19.12
CA GLN A 125 -8.56 21.78 -19.70
C GLN A 125 -8.58 23.24 -19.26
N LEU A 126 -7.43 23.72 -18.79
CA LEU A 126 -7.29 25.11 -18.41
C LEU A 126 -6.23 25.76 -19.30
N ARG A 127 -6.48 26.98 -19.74
CA ARG A 127 -5.55 27.66 -20.63
C ARG A 127 -4.72 28.68 -19.87
N ASP A 128 -3.47 28.87 -20.31
CA ASP A 128 -2.53 29.81 -19.69
C ASP A 128 -3.06 31.24 -19.83
N SER A 129 -3.02 32.00 -18.74
CA SER A 129 -3.63 33.32 -18.71
C SER A 129 -2.88 34.36 -19.57
N LYS A 130 -1.61 34.09 -19.86
CA LYS A 130 -0.79 35.00 -20.67
C LYS A 130 -0.67 34.53 -22.12
N SER A 131 -0.85 33.23 -22.36
CA SER A 131 -0.81 32.70 -23.72
C SER A 131 -1.75 31.50 -23.89
N SER A 132 -2.73 31.65 -24.79
CA SER A 132 -3.74 30.63 -24.98
C SER A 132 -3.20 29.37 -25.66
N ASP A 133 -1.95 29.43 -26.10
CA ASP A 133 -1.32 28.29 -26.77
C ASP A 133 -1.11 27.11 -25.83
N LYS A 134 -0.71 27.39 -24.59
CA LYS A 134 -0.33 26.35 -23.65
C LYS A 134 -1.46 26.02 -22.67
N SER A 135 -1.50 24.78 -22.17
CA SER A 135 -2.55 24.38 -21.23
C SER A 135 -2.15 23.20 -20.34
N VAL A 136 -2.94 22.98 -19.29
CA VAL A 136 -2.80 21.77 -18.48
C VAL A 136 -4.15 21.06 -18.39
N CYS A 137 -4.11 19.80 -17.96
CA CYS A 137 -5.31 19.01 -17.73
C CYS A 137 -5.48 18.75 -16.23
N LEU A 138 -6.65 19.09 -15.71
CA LEU A 138 -6.96 18.92 -14.29
C LEU A 138 -7.93 17.75 -14.06
N PHE A 139 -7.43 16.64 -13.54
CA PHE A 139 -8.30 15.55 -13.11
C PHE A 139 -8.75 15.88 -11.68
N THR A 140 -10.05 16.01 -11.46
CA THR A 140 -10.54 16.48 -10.16
C THR A 140 -11.88 15.86 -9.71
N ASP A 141 -12.14 15.98 -8.41
CA ASP A 141 -13.42 15.56 -7.81
C ASP A 141 -13.64 14.06 -7.86
N PHE A 142 -12.56 13.29 -8.00
CA PHE A 142 -12.68 11.85 -7.95
C PHE A 142 -12.65 11.37 -6.51
N ASP A 143 -12.94 10.09 -6.32
CA ASP A 143 -12.95 9.44 -5.01
C ASP A 143 -11.54 9.25 -4.46
N SER A 144 -11.40 9.30 -3.13
CA SER A 144 -10.07 9.36 -2.50
C SER A 144 -9.27 8.07 -2.63
N GLN A 145 -9.92 6.98 -3.03
CA GLN A 145 -9.20 5.72 -3.23
C GLN A 145 -8.83 5.48 -4.70
N THR A 146 -9.23 6.40 -5.57
CA THR A 146 -8.73 6.39 -6.94
C THR A 146 -7.24 6.60 -6.90
N ASN A 147 -6.50 5.79 -7.64
CA ASN A 147 -5.05 5.90 -7.70
C ASN A 147 -4.60 6.55 -9.01
N VAL A 148 -3.86 7.65 -8.88
CA VAL A 148 -3.30 8.33 -10.05
C VAL A 148 -1.88 7.84 -10.30
N SER A 149 -1.70 7.18 -11.43
CA SER A 149 -0.42 6.61 -11.81
C SER A 149 0.45 7.67 -12.48
N GLN A 150 1.74 7.66 -12.14
CA GLN A 150 2.72 8.44 -12.88
C GLN A 150 2.80 7.82 -14.27
N SER A 151 3.44 8.51 -15.21
CA SER A 151 3.60 7.95 -16.55
C SER A 151 4.72 8.64 -17.30
N ASP A 153 5.09 8.46 -20.39
CA ASP A 153 6.04 9.01 -21.35
C ASP A 153 6.99 9.99 -20.66
N SER A 154 8.25 9.97 -21.08
CA SER A 154 9.27 10.81 -20.46
C SER A 154 8.90 12.29 -20.53
N ASP A 155 8.10 12.66 -21.52
CA ASP A 155 7.75 14.06 -21.77
C ASP A 155 6.32 14.40 -21.37
N VAL A 156 5.66 13.48 -20.66
CA VAL A 156 4.34 13.75 -20.08
C VAL A 156 4.44 13.80 -18.56
N TYR A 157 3.98 14.90 -17.98
CA TYR A 157 4.11 15.12 -16.55
C TYR A 157 2.76 15.02 -15.85
N ILE A 158 2.71 14.25 -14.78
CA ILE A 158 1.47 14.03 -14.04
C ILE A 158 1.81 14.06 -12.57
N THR A 159 1.17 14.96 -11.84
CA THR A 159 1.42 15.12 -10.41
C THR A 159 0.63 14.07 -9.64
N ASP A 160 1.00 13.85 -8.38
CA ASP A 160 0.24 12.96 -7.52
C ASP A 160 -1.05 13.66 -7.13
N LYS A 161 -2.05 12.90 -6.71
CA LYS A 161 -3.29 13.51 -6.26
C LYS A 161 -3.02 14.34 -5.01
N CYS A 162 -3.79 15.40 -4.86
CA CYS A 162 -3.55 16.44 -3.88
C CYS A 162 -4.93 16.83 -3.32
N VAL A 163 -5.05 16.88 -2.00
CA VAL A 163 -6.32 17.22 -1.36
C VAL A 163 -6.32 18.68 -0.95
N LEU A 164 -7.27 19.45 -1.48
CA LEU A 164 -7.45 20.83 -1.04
C LEU A 164 -8.73 20.96 -0.22
N ASP A 165 -8.73 21.93 0.67
CA ASP A 165 -9.79 22.06 1.66
C ASP A 165 -10.31 23.48 1.62
N MET A 166 -11.53 23.65 1.11
CA MET A 166 -12.21 24.93 1.10
C MET A 166 -12.92 25.06 2.44
N ARG A 167 -12.20 25.65 3.40
CA ARG A 167 -12.54 25.59 4.82
C ARG A 167 -13.92 26.12 5.19
N SER A 168 -14.30 27.27 4.65
CA SER A 168 -15.58 27.87 4.99
C SER A 168 -16.75 27.04 4.44
N MET A 169 -16.52 26.32 3.34
CA MET A 169 -17.57 25.49 2.75
C MET A 169 -17.60 24.07 3.29
N ASP A 170 -16.66 23.73 4.15
CA ASP A 170 -16.59 22.37 4.66
C ASP A 170 -16.48 21.39 3.49
N PHE A 171 -15.70 21.77 2.48
CA PHE A 171 -15.65 21.00 1.23
C PHE A 171 -14.23 20.66 0.84
N LYS A 172 -13.94 19.38 0.65
CA LYS A 172 -12.62 18.94 0.22
C LYS A 172 -12.72 18.19 -1.09
N SER A 173 -11.68 18.29 -1.89
CA SER A 173 -11.66 17.61 -3.18
C SER A 173 -10.24 17.22 -3.57
N ASN A 174 -10.14 16.13 -4.31
CA ASN A 174 -8.90 15.63 -4.81
C ASN A 174 -8.65 16.22 -6.20
N SER A 175 -7.39 16.35 -6.59
CA SER A 175 -7.06 16.70 -7.97
C SER A 175 -5.68 16.18 -8.31
N ALA A 176 -5.41 16.05 -9.60
CA ALA A 176 -4.07 15.79 -10.10
C ALA A 176 -3.93 16.64 -11.36
N VAL A 177 -2.71 17.00 -11.73
CA VAL A 177 -2.51 17.87 -12.89
C VAL A 177 -1.62 17.15 -13.89
N ALA A 178 -1.90 17.33 -15.17
CA ALA A 178 -1.07 16.70 -16.20
C ALA A 178 -0.76 17.70 -17.29
N TRP A 179 0.44 17.64 -17.86
CA TRP A 179 0.77 18.51 -18.98
C TRP A 179 1.90 17.94 -19.82
N SER A 180 2.05 18.47 -21.03
CA SER A 180 3.05 17.95 -21.96
C SER A 180 3.11 18.80 -23.23
N ASN A 181 4.21 18.69 -23.96
CA ASN A 181 4.31 19.34 -25.27
C ASN A 181 4.19 18.33 -26.38
N LYS A 182 4.18 17.05 -26.03
CA LYS A 182 4.08 15.99 -27.03
C LYS A 182 2.83 16.19 -27.88
N SER A 183 2.98 15.99 -29.19
CA SER A 183 1.90 16.22 -30.13
C SER A 183 0.67 15.37 -29.89
N ASP A 184 0.85 14.16 -29.36
CA ASP A 184 -0.30 13.26 -29.20
C ASP A 184 -0.97 13.35 -27.81
N PHE A 185 -0.45 14.23 -26.95
CA PHE A 185 -1.02 14.40 -25.63
C PHE A 185 -2.28 15.26 -25.69
N ALA A 186 -3.33 14.82 -24.98
CA ALA A 186 -4.57 15.60 -24.86
C ALA A 186 -5.29 15.15 -23.61
N CYS A 187 -6.17 15.99 -23.08
CA CYS A 187 -6.80 15.68 -21.80
C CYS A 187 -7.57 14.36 -21.89
N ALA A 188 -8.11 14.07 -23.06
CA ALA A 188 -8.83 12.82 -23.29
C ALA A 188 -7.96 11.60 -22.98
N ASN A 189 -6.65 11.70 -23.18
CA ASN A 189 -5.74 10.57 -22.92
C ASN A 189 -4.68 10.85 -21.85
N ALA A 190 -4.78 12.01 -21.19
CA ALA A 190 -3.76 12.42 -20.23
C ALA A 190 -3.56 11.37 -19.16
N PHE A 191 -4.66 10.83 -18.66
CA PHE A 191 -4.64 10.00 -17.46
C PHE A 191 -4.96 8.54 -17.78
N ASN A 192 -4.68 8.14 -19.01
CA ASN A 192 -5.02 6.80 -19.50
C ASN A 192 -4.35 5.65 -18.74
N ASN A 193 -3.18 5.91 -18.16
CA ASN A 193 -2.47 4.87 -17.43
C ASN A 193 -3.05 4.71 -16.02
N SER A 194 -4.06 5.51 -15.71
CA SER A 194 -4.77 5.41 -14.44
C SER A 194 -6.08 4.69 -14.68
N ILE A 195 -6.57 4.01 -13.64
CA ILE A 195 -7.92 3.46 -13.68
C ILE A 195 -8.88 4.53 -13.17
N ILE A 196 -9.66 5.11 -14.08
CA ILE A 196 -10.56 6.19 -13.69
C ILE A 196 -12.01 5.83 -13.99
N PRO A 197 -12.94 6.35 -13.17
CA PRO A 197 -14.36 6.00 -13.26
C PRO A 197 -14.88 6.04 -14.69
N GLU A 198 -15.69 5.07 -15.06
CA GLU A 198 -16.24 5.01 -16.42
C GLU A 198 -17.08 6.24 -16.71
N ASP A 199 -17.62 6.85 -15.65
CA ASP A 199 -18.49 8.02 -15.79
C ASP A 199 -17.74 9.35 -15.67
N THR A 200 -16.41 9.32 -15.74
CA THR A 200 -15.64 10.55 -15.70
C THR A 200 -16.15 11.52 -16.77
N PHE A 201 -16.43 12.73 -16.33
CA PHE A 201 -16.94 13.79 -17.20
C PHE A 201 -15.79 14.40 -18.00
N PHE A 202 -15.90 14.33 -19.33
CA PHE A 202 -14.90 14.87 -20.25
C PHE A 202 -15.53 15.92 -21.16
N PRO A 203 -15.64 17.16 -20.68
CA PRO A 203 -16.31 18.21 -21.46
C PRO A 203 -15.45 18.80 -22.59
N SER A 204 -16.09 19.64 -23.42
CA SER A 204 -15.37 20.51 -24.35
C SER A 204 -16.31 21.56 -24.90
N PRO B 3 8.62 27.25 23.15
CA PRO B 3 9.65 26.22 23.25
C PRO B 3 9.94 25.59 21.89
N LYS B 4 10.68 26.29 21.03
CA LYS B 4 11.03 25.74 19.73
C LYS B 4 12.48 26.04 19.36
N VAL B 5 13.21 25.00 18.97
CA VAL B 5 14.55 25.14 18.43
C VAL B 5 14.50 25.81 17.06
N LEU B 6 15.41 26.74 16.80
CA LEU B 6 15.44 27.41 15.51
C LEU B 6 16.72 27.04 14.73
N GLN B 7 16.62 27.09 13.40
CA GLN B 7 17.76 26.87 12.55
C GLN B 7 17.75 27.85 11.40
N ILE B 8 18.94 28.38 11.10
CA ILE B 8 19.14 29.13 9.87
C ILE B 8 20.46 28.67 9.29
N PRO B 9 20.60 28.74 7.96
CA PRO B 9 19.55 29.17 7.03
C PRO B 9 18.61 28.00 6.74
N SER B 10 17.41 28.25 6.24
CA SER B 10 16.49 27.17 5.89
C SER B 10 16.98 26.41 4.65
N HIS B 11 17.62 27.11 3.72
CA HIS B 11 18.14 26.50 2.48
C HIS B 11 19.58 26.96 2.27
N GLN B 12 20.43 26.07 1.77
CA GLN B 12 21.79 26.43 1.42
C GLN B 12 22.18 25.71 0.15
N ILE B 13 22.56 26.46 -0.88
CA ILE B 13 23.19 25.88 -2.06
C ILE B 13 24.66 26.26 -2.02
N ILE B 14 25.53 25.30 -2.30
CA ILE B 14 26.97 25.55 -2.29
C ILE B 14 27.62 24.60 -3.27
N ASP B 15 28.78 24.95 -3.80
CA ASP B 15 29.51 24.01 -4.64
C ASP B 15 30.56 23.27 -3.82
N MET B 16 31.19 22.28 -4.44
CA MET B 16 32.13 21.42 -3.75
C MET B 16 33.35 22.16 -3.23
N GLY B 17 33.95 21.62 -2.18
CA GLY B 17 35.21 22.10 -1.66
C GLY B 17 35.12 23.39 -0.86
N GLN B 18 33.93 23.70 -0.39
CA GLN B 18 33.72 24.91 0.38
C GLN B 18 33.43 24.63 1.86
N MET B 19 33.17 25.68 2.61
CA MET B 19 32.68 25.50 3.96
C MET B 19 31.27 26.06 4.01
N VAL B 20 30.39 25.36 4.70
CA VAL B 20 29.11 25.95 5.06
C VAL B 20 28.93 25.82 6.55
N THR B 21 28.20 26.77 7.11
CA THR B 21 27.92 26.80 8.54
C THR B 21 26.43 26.60 8.78
N LEU B 22 26.09 25.56 9.53
CA LEU B 22 24.71 25.31 9.93
C LEU B 22 24.52 25.85 11.33
N ASN B 23 23.57 26.76 11.50
CA ASN B 23 23.33 27.38 12.80
C ASN B 23 22.09 26.83 13.47
N CYS B 24 22.19 26.63 14.77
CA CYS B 24 21.10 26.11 15.57
C CYS B 24 20.99 26.99 16.81
N ASP B 25 19.77 27.27 17.21
CA ASP B 25 19.50 28.03 18.41
C ASP B 25 18.63 27.15 19.29
N PRO B 26 19.26 26.40 20.21
CA PRO B 26 18.51 25.43 21.01
C PRO B 26 17.67 26.08 22.09
N VAL B 27 16.78 25.31 22.71
CA VAL B 27 15.96 25.83 23.82
C VAL B 27 16.84 26.43 24.92
N SER B 28 16.40 27.55 25.47
CA SER B 28 17.26 28.39 26.32
C SER B 28 17.98 27.64 27.42
N ASN B 29 17.28 26.79 28.14
CA ASN B 29 17.90 26.12 29.30
C ASN B 29 18.39 24.70 29.04
N HIS B 30 18.40 24.27 27.78
CA HIS B 30 18.87 22.92 27.48
C HIS B 30 20.38 22.82 27.53
N LEU B 31 20.87 21.63 27.86
CA LEU B 31 22.29 21.39 28.08
C LEU B 31 22.90 20.43 27.04
N TYR B 32 22.05 19.73 26.31
CA TYR B 32 22.52 18.71 25.37
C TYR B 32 22.08 19.06 23.95
N PHE B 33 23.05 19.10 23.03
CA PHE B 33 22.78 19.54 21.65
C PHE B 33 23.15 18.43 20.66
N TYR B 34 22.34 18.27 19.62
CA TYR B 34 22.49 17.14 18.71
C TYR B 34 22.46 17.62 17.28
N TRP B 35 23.15 16.92 16.39
CA TRP B 35 22.96 17.10 14.98
C TRP B 35 22.60 15.78 14.37
N TYR B 36 21.62 15.82 13.47
CA TYR B 36 21.14 14.65 12.78
C TYR B 36 21.08 15.03 11.32
N LYS B 37 21.05 14.05 10.43
CA LYS B 37 20.80 14.38 9.03
C LYS B 37 19.81 13.39 8.41
N GLN B 38 18.99 13.90 7.50
CA GLN B 38 17.92 13.11 6.92
C GLN B 38 18.15 13.05 5.43
N ILE B 39 18.18 11.84 4.91
CA ILE B 39 18.45 11.58 3.50
C ILE B 39 17.16 11.34 2.74
N LEU B 40 17.00 12.01 1.61
CA LEU B 40 15.90 11.68 0.71
C LEU B 40 14.54 11.74 1.41
N GLY B 41 14.44 12.65 2.38
CA GLY B 41 13.19 12.94 3.02
C GLY B 41 12.67 11.87 3.95
N GLN B 42 13.49 10.87 4.27
CA GLN B 42 13.01 9.83 5.17
C GLN B 42 14.02 9.36 6.22
N GLN B 43 15.00 8.54 5.85
CA GLN B 43 15.91 7.97 6.84
C GLN B 43 16.64 9.03 7.70
N MET B 44 16.48 8.97 9.01
CA MET B 44 17.06 9.96 9.91
C MET B 44 18.28 9.36 10.63
N GLU B 45 19.42 10.05 10.58
CA GLU B 45 20.67 9.51 11.11
C GLU B 45 21.35 10.47 12.09
N PHE B 46 21.67 9.96 13.28
CA PHE B 46 22.41 10.72 14.27
C PHE B 46 23.84 10.97 13.75
N LEU B 47 24.34 12.18 13.96
CA LEU B 47 25.71 12.53 13.60
C LEU B 47 26.59 12.68 14.83
N VAL B 48 26.22 13.60 15.72
CA VAL B 48 27.10 14.03 16.81
C VAL B 48 26.29 14.76 17.87
N ASN B 49 26.70 14.67 19.13
CA ASN B 49 26.14 15.55 20.16
C ASN B 49 27.21 16.31 20.95
N PHE B 50 26.77 17.19 21.83
CA PHE B 50 27.61 18.20 22.44
C PHE B 50 27.04 18.51 23.82
N TYR B 51 27.85 18.40 24.86
CA TYR B 51 27.48 18.87 26.20
C TYR B 51 28.71 19.20 27.02
N ASN B 52 28.52 20.01 28.06
CA ASN B 52 29.64 20.51 28.84
C ASN B 52 30.69 21.15 27.93
N GLY B 53 30.22 21.81 26.88
CA GLY B 53 31.10 22.53 25.97
C GLY B 53 32.04 21.67 25.16
N LYS B 54 31.67 20.41 24.90
CA LYS B 54 32.53 19.53 24.10
C LYS B 54 31.75 18.51 23.30
N VAL B 55 32.23 18.18 22.11
CA VAL B 55 31.70 17.06 21.35
C VAL B 55 31.82 15.82 22.22
N MET B 56 30.75 15.05 22.33
CA MET B 56 30.81 13.83 23.11
C MET B 56 30.67 12.62 22.18
N GLU B 57 29.45 12.23 21.87
CA GLU B 57 29.20 11.07 21.02
C GLU B 57 29.23 11.42 19.54
N LYS B 58 29.70 10.48 18.73
CA LYS B 58 29.75 10.64 17.28
C LYS B 58 29.36 9.32 16.65
N SER B 59 28.68 9.35 15.51
CA SER B 59 28.36 8.13 14.78
C SER B 59 29.42 7.91 13.69
N LYS B 60 29.32 6.78 13.00
CA LYS B 60 30.24 6.49 11.90
C LYS B 60 30.04 7.48 10.76
N LEU B 61 28.87 8.10 10.69
CA LEU B 61 28.56 9.06 9.64
C LEU B 61 29.20 10.41 9.91
N PHE B 62 29.63 10.66 11.13
CA PHE B 62 30.22 11.95 11.46
C PHE B 62 31.66 12.00 10.99
N LYS B 63 31.97 12.92 10.09
CA LYS B 63 33.34 13.04 9.61
C LYS B 63 34.05 14.01 10.54
N ASP B 64 35.03 13.51 11.28
CA ASP B 64 35.73 14.33 12.27
C ASP B 64 36.29 15.63 11.69
N GLN B 65 36.44 15.68 10.38
CA GLN B 65 36.93 16.88 9.72
C GLN B 65 35.96 18.04 9.92
N PHE B 66 34.69 17.69 10.19
CA PHE B 66 33.66 18.68 10.48
C PHE B 66 33.95 19.33 11.81
N SER B 67 33.48 20.56 11.97
CA SER B 67 33.67 21.27 13.22
C SER B 67 32.31 21.49 13.86
N VAL B 68 32.25 21.24 15.16
CA VAL B 68 31.07 21.45 15.96
C VAL B 68 31.42 22.36 17.14
N GLU B 69 30.73 23.48 17.30
CA GLU B 69 31.02 24.43 18.37
C GLU B 69 29.75 25.02 18.95
N ARG B 70 29.87 25.63 20.12
CA ARG B 70 28.82 26.48 20.66
C ARG B 70 29.47 27.57 21.53
N PRO B 71 30.05 28.60 20.88
CA PRO B 71 30.72 29.62 21.68
C PRO B 71 29.75 30.29 22.63
N ASP B 72 30.25 30.79 23.76
CA ASP B 72 29.41 31.48 24.73
C ASP B 72 28.59 32.57 24.04
N GLY B 73 27.28 32.53 24.26
CA GLY B 73 26.36 33.51 23.68
C GLY B 73 26.16 33.45 22.18
N SER B 74 26.56 32.38 21.51
CA SER B 74 26.33 32.28 20.08
C SER B 74 25.67 30.94 19.73
N TYR B 75 25.32 30.77 18.47
CA TYR B 75 24.62 29.57 18.04
C TYR B 75 25.44 28.29 18.19
N PHE B 76 24.72 27.18 18.38
CA PHE B 76 25.25 25.84 18.19
C PHE B 76 25.45 25.64 16.68
N THR B 77 26.66 25.27 16.27
CA THR B 77 26.93 25.18 14.84
C THR B 77 27.54 23.87 14.41
N LEU B 78 27.24 23.48 13.18
CA LEU B 78 27.97 22.42 12.50
C LEU B 78 28.53 23.06 11.24
N LYS B 79 29.81 22.82 10.97
CA LYS B 79 30.46 23.37 9.79
C LYS B 79 30.97 22.22 8.97
N ILE B 80 30.58 22.21 7.71
CA ILE B 80 30.89 21.11 6.82
C ILE B 80 31.93 21.59 5.84
N GLN B 81 33.02 20.84 5.75
CA GLN B 81 34.16 21.18 4.92
C GLN B 81 34.98 19.91 4.66
N PRO B 82 35.58 19.81 3.45
CA PRO B 82 35.14 20.56 2.29
C PRO B 82 33.83 19.95 1.82
N THR B 83 32.86 20.77 1.43
CA THR B 83 31.57 20.24 1.02
C THR B 83 31.72 19.25 -0.15
N ALA B 84 30.99 18.15 -0.08
CA ALA B 84 30.97 17.14 -1.14
C ALA B 84 29.52 16.83 -1.52
N LEU B 85 29.32 16.27 -2.71
CA LEU B 85 27.98 15.99 -3.22
C LEU B 85 27.21 15.12 -2.24
N GLU B 86 27.93 14.22 -1.58
CA GLU B 86 27.30 13.28 -0.66
C GLU B 86 26.86 13.93 0.64
N ASP B 87 27.26 15.18 0.87
CA ASP B 87 26.80 15.93 2.04
C ASP B 87 25.39 16.48 1.86
N SER B 88 24.83 16.41 0.65
CA SER B 88 23.47 16.90 0.41
C SER B 88 22.45 16.13 1.23
N ALA B 89 21.60 16.86 1.96
CA ALA B 89 20.67 16.28 2.93
C ALA B 89 20.01 17.41 3.69
N VAL B 90 19.00 17.10 4.50
CA VAL B 90 18.46 18.09 5.41
C VAL B 90 19.06 17.80 6.78
N TYR B 91 19.74 18.79 7.36
CA TYR B 91 20.37 18.61 8.66
C TYR B 91 19.47 19.20 9.73
N PHE B 92 19.24 18.43 10.79
CA PHE B 92 18.37 18.86 11.86
C PHE B 92 19.15 18.90 13.14
N CYS B 93 19.00 20.00 13.87
N CYS B 93 19.04 19.99 13.89
CA CYS B 93 19.55 20.13 15.19
CA CYS B 93 19.65 20.01 15.19
C CYS B 93 18.51 19.70 16.19
C CYS B 93 18.55 19.77 16.21
N ALA B 94 18.93 19.29 17.38
CA ALA B 94 18.00 19.04 18.46
C ALA B 94 18.66 19.35 19.79
N SER B 95 17.87 19.66 20.80
CA SER B 95 18.41 19.84 22.14
C SER B 95 17.48 19.17 23.14
N SER B 96 18.02 18.82 24.30
CA SER B 96 17.23 18.25 25.37
C SER B 96 17.76 18.73 26.72
N PHE B 97 16.87 18.73 27.72
CA PHE B 97 17.21 19.15 29.07
C PHE B 97 18.00 18.09 29.82
N TRP B 98 17.38 16.94 30.05
CA TRP B 98 17.94 15.93 30.94
C TRP B 98 18.87 14.94 30.24
N GLY B 99 19.12 15.18 28.96
CA GLY B 99 20.05 14.35 28.21
C GLY B 99 19.41 13.17 27.49
N ALA B 100 20.00 11.99 27.65
CA ALA B 100 19.61 10.80 26.91
C ALA B 100 18.10 10.58 26.83
N TYR B 101 17.49 10.37 28.00
CA TYR B 101 16.11 9.92 28.09
C TYR B 101 15.09 11.05 27.99
N ALA B 102 15.56 12.26 27.70
CA ALA B 102 14.65 13.40 27.66
C ALA B 102 14.12 13.59 26.24
N GLU B 103 12.95 14.21 26.14
CA GLU B 103 12.42 14.56 24.85
C GLU B 103 13.44 15.42 24.12
N GLN B 104 13.75 15.05 22.89
CA GLN B 104 14.62 15.88 22.06
C GLN B 104 13.76 16.78 21.20
N PHE B 105 14.06 18.08 21.28
CA PHE B 105 13.32 19.10 20.55
C PHE B 105 14.09 19.42 19.28
N PHE B 106 13.46 19.23 18.12
CA PHE B 106 14.13 19.38 16.83
C PHE B 106 13.84 20.72 16.19
N GLY B 107 14.85 21.29 15.55
CA GLY B 107 14.68 22.50 14.77
C GLY B 107 13.99 22.19 13.46
N PRO B 108 13.73 23.24 12.66
CA PRO B 108 13.01 23.09 11.40
C PRO B 108 13.89 22.56 10.25
N GLY B 109 15.20 22.43 10.49
CA GLY B 109 16.08 21.81 9.52
C GLY B 109 16.71 22.79 8.55
N THR B 110 17.90 22.44 8.05
CA THR B 110 18.53 23.20 6.98
C THR B 110 18.74 22.29 5.79
N ARG B 111 18.21 22.69 4.65
CA ARG B 111 18.28 21.88 3.45
C ARG B 111 19.53 22.25 2.68
N LEU B 112 20.52 21.35 2.73
CA LEU B 112 21.81 21.58 2.07
C LEU B 112 21.90 20.83 0.74
N THR B 113 22.07 21.58 -0.33
CA THR B 113 22.35 21.00 -1.64
C THR B 113 23.74 21.41 -2.12
N VAL B 114 24.62 20.42 -2.23
CA VAL B 114 25.96 20.63 -2.76
C VAL B 114 26.02 20.25 -4.22
N LEU B 115 26.45 21.18 -5.05
CA LEU B 115 26.49 20.99 -6.50
C LEU B 115 27.91 20.96 -7.03
N GLU B 116 28.08 20.33 -8.18
CA GLU B 116 29.39 20.28 -8.83
C GLU B 116 29.83 21.67 -9.20
N ASP B 117 28.92 22.43 -9.80
CA ASP B 117 29.16 23.87 -9.98
C ASP B 117 27.84 24.65 -9.95
N LEU B 118 27.95 25.96 -9.79
CA LEU B 118 26.80 26.83 -9.59
C LEU B 118 26.21 27.33 -10.89
N ARG B 119 26.81 26.97 -12.02
CA ARG B 119 26.43 27.53 -13.31
C ARG B 119 25.05 27.08 -13.79
N ASN B 120 24.55 25.96 -13.27
CA ASN B 120 23.23 25.46 -13.66
C ASN B 120 22.07 26.02 -12.84
N VAL B 121 22.36 26.74 -11.75
CA VAL B 121 21.28 27.31 -10.94
C VAL B 121 20.36 28.14 -11.84
N THR B 122 19.07 27.84 -11.82
N THR B 122 19.06 27.86 -11.78
CA THR B 122 18.12 28.54 -12.68
CA THR B 122 18.10 28.49 -12.69
C THR B 122 16.79 28.74 -11.96
C THR B 122 16.75 28.71 -11.99
N PRO B 123 16.22 29.94 -12.06
CA PRO B 123 14.96 30.24 -11.36
C PRO B 123 13.80 29.66 -12.14
N PRO B 124 12.61 29.58 -11.52
CA PRO B 124 11.45 28.97 -12.18
C PRO B 124 10.79 29.93 -13.16
N LYS B 125 10.21 29.38 -14.22
CA LYS B 125 9.18 30.09 -14.96
C LYS B 125 7.85 29.76 -14.31
N VAL B 126 7.00 30.76 -14.13
CA VAL B 126 5.73 30.55 -13.46
C VAL B 126 4.59 30.92 -14.40
N SER B 127 3.67 29.99 -14.63
CA SER B 127 2.44 30.28 -15.38
C SER B 127 1.20 29.95 -14.55
N LEU B 128 0.21 30.82 -14.65
CA LEU B 128 -1.07 30.66 -14.00
C LEU B 128 -2.11 30.26 -15.04
N PHE B 129 -2.78 29.14 -14.80
CA PHE B 129 -3.80 28.65 -15.74
C PHE B 129 -5.17 28.96 -15.17
N GLU B 130 -5.99 29.61 -15.99
CA GLU B 130 -7.27 30.10 -15.55
C GLU B 130 -8.31 28.99 -15.52
N PRO B 131 -9.31 29.14 -14.65
CA PRO B 131 -10.40 28.17 -14.45
C PRO B 131 -11.14 27.84 -15.73
N SER B 132 -11.52 26.57 -15.87
CA SER B 132 -12.26 26.11 -17.04
C SER B 132 -13.74 26.51 -16.93
N LYS B 133 -14.31 26.98 -18.04
CA LYS B 133 -15.72 27.36 -18.06
C LYS B 133 -16.62 26.16 -17.76
N ALA B 134 -16.20 24.99 -18.23
CA ALA B 134 -16.93 23.75 -17.97
C ALA B 134 -16.92 23.39 -16.49
N GLU B 135 -15.79 23.56 -15.81
CA GLU B 135 -15.78 23.28 -14.38
C GLU B 135 -16.76 24.20 -13.69
N ILE B 136 -16.75 25.47 -14.09
CA ILE B 136 -17.62 26.47 -13.46
C ILE B 136 -19.08 26.12 -13.69
N SER B 137 -19.37 25.62 -14.88
CA SER B 137 -20.74 25.26 -15.27
C SER B 137 -21.21 24.04 -14.48
N HIS B 138 -20.33 23.06 -14.36
CA HIS B 138 -20.64 21.75 -13.79
C HIS B 138 -20.65 21.74 -12.25
N THR B 139 -19.85 22.59 -11.62
CA THR B 139 -19.67 22.50 -10.17
C THR B 139 -19.89 23.79 -9.39
N GLN B 140 -20.04 24.89 -10.12
N GLN B 140 -20.05 24.90 -10.10
CA GLN B 140 -20.10 26.21 -9.51
CA GLN B 140 -20.11 26.20 -9.44
C GLN B 140 -18.85 26.43 -8.67
C GLN B 140 -18.84 26.45 -8.65
N LYS B 141 -17.73 25.88 -9.12
CA LYS B 141 -16.43 26.10 -8.50
C LYS B 141 -15.40 26.38 -9.59
N ALA B 142 -14.31 27.03 -9.21
CA ALA B 142 -13.29 27.42 -10.17
C ALA B 142 -11.89 27.13 -9.62
N THR B 143 -11.18 26.22 -10.28
CA THR B 143 -9.82 25.86 -9.86
C THR B 143 -8.78 26.54 -10.74
N LEU B 144 -7.95 27.36 -10.10
CA LEU B 144 -6.78 27.93 -10.75
C LEU B 144 -5.61 26.98 -10.54
N VAL B 145 -4.80 26.80 -11.57
CA VAL B 145 -3.60 25.98 -11.46
C VAL B 145 -2.35 26.80 -11.75
N CYS B 146 -1.29 26.58 -10.98
CA CYS B 146 -0.05 27.27 -11.17
C CYS B 146 1.05 26.26 -11.44
N LEU B 147 1.86 26.51 -12.46
CA LEU B 147 3.01 25.67 -12.73
C LEU B 147 4.30 26.49 -12.56
N ALA B 148 5.21 25.98 -11.75
CA ALA B 148 6.55 26.51 -11.71
C ALA B 148 7.43 25.49 -12.41
N THR B 149 8.13 25.90 -13.47
CA THR B 149 8.92 24.96 -14.26
C THR B 149 10.35 25.42 -14.53
N GLY B 150 11.21 24.43 -14.80
CA GLY B 150 12.53 24.71 -15.31
C GLY B 150 13.53 25.17 -14.28
N PHE B 151 13.27 24.90 -13.01
CA PHE B 151 14.17 25.41 -11.97
C PHE B 151 15.14 24.36 -11.42
N TYR B 152 16.22 24.86 -10.84
CA TYR B 152 17.29 24.02 -10.33
C TYR B 152 18.16 24.84 -9.39
N PRO B 153 18.53 24.27 -8.24
CA PRO B 153 18.05 22.99 -7.72
C PRO B 153 16.57 23.15 -7.30
N ASP B 154 16.07 22.28 -6.43
CA ASP B 154 14.63 22.32 -6.17
C ASP B 154 14.25 23.07 -4.88
N HIS B 155 14.90 24.21 -4.64
CA HIS B 155 14.64 25.03 -3.47
C HIS B 155 13.60 26.11 -3.75
N VAL B 156 12.32 25.77 -3.56
CA VAL B 156 11.25 26.74 -3.78
C VAL B 156 10.12 26.61 -2.75
N GLU B 157 9.41 27.71 -2.54
CA GLU B 157 8.15 27.68 -1.81
C GLU B 157 7.13 28.48 -2.62
N LEU B 158 5.92 27.94 -2.73
CA LEU B 158 4.87 28.54 -3.54
C LEU B 158 3.75 29.05 -2.63
N SER B 159 3.22 30.22 -2.93
CA SER B 159 2.13 30.75 -2.14
C SER B 159 1.13 31.42 -3.06
N TRP B 160 -0.10 31.58 -2.58
CA TRP B 160 -1.18 32.16 -3.35
C TRP B 160 -1.63 33.44 -2.67
N TRP B 161 -1.91 34.48 -3.45
CA TRP B 161 -2.30 35.76 -2.92
C TRP B 161 -3.59 36.23 -3.60
N VAL B 162 -4.58 36.56 -2.80
CA VAL B 162 -5.84 37.05 -3.33
C VAL B 162 -6.10 38.45 -2.79
N ASN B 163 -6.27 39.40 -3.71
CA ASN B 163 -6.43 40.80 -3.34
C ASN B 163 -5.35 41.23 -2.35
N GLY B 164 -4.11 40.87 -2.64
CA GLY B 164 -2.97 41.31 -1.85
C GLY B 164 -2.78 40.58 -0.53
N LYS B 165 -3.66 39.63 -0.24
CA LYS B 165 -3.60 38.83 0.98
C LYS B 165 -3.26 37.37 0.71
N GLU B 166 -2.33 36.79 1.47
CA GLU B 166 -2.00 35.38 1.29
C GLU B 166 -3.17 34.51 1.74
N VAL B 167 -3.49 33.49 0.96
CA VAL B 167 -4.53 32.54 1.35
C VAL B 167 -3.97 31.12 1.45
N HIS B 168 -4.54 30.32 2.35
CA HIS B 168 -4.19 28.91 2.50
C HIS B 168 -5.42 28.02 2.25
N SER B 169 -6.59 28.52 2.60
CA SER B 169 -7.81 27.78 2.35
C SER B 169 -8.01 27.61 0.85
N GLY B 170 -8.37 26.41 0.42
CA GLY B 170 -8.64 26.13 -0.98
C GLY B 170 -7.39 25.76 -1.78
N VAL B 171 -6.27 25.63 -1.10
CA VAL B 171 -5.00 25.46 -1.79
C VAL B 171 -4.42 24.10 -1.54
N CYS B 172 -3.82 23.53 -2.58
N CYS B 172 -3.83 23.51 -2.56
CA CYS B 172 -2.99 22.35 -2.39
CA CYS B 172 -2.96 22.37 -2.33
C CYS B 172 -1.82 22.41 -3.37
C CYS B 172 -1.83 22.37 -3.35
N THR B 173 -0.61 22.20 -2.86
CA THR B 173 0.59 22.30 -3.67
C THR B 173 1.31 20.97 -3.60
N ASP B 174 1.84 20.49 -4.71
CA ASP B 174 2.49 19.16 -4.68
C ASP B 174 3.46 19.10 -3.51
N PRO B 175 3.46 17.99 -2.76
CA PRO B 175 4.42 17.87 -1.65
C PRO B 175 5.86 17.98 -2.13
N GLN B 176 6.16 17.51 -3.34
CA GLN B 176 7.54 17.55 -3.88
C GLN B 176 7.58 17.95 -5.35
N PRO B 177 8.61 18.70 -5.76
CA PRO B 177 8.80 18.98 -7.19
C PRO B 177 9.07 17.70 -7.94
N LEU B 178 8.75 17.65 -9.22
CA LEU B 178 9.09 16.47 -10.02
C LEU B 178 10.25 16.76 -10.96
N LYS B 179 11.08 15.76 -11.20
CA LYS B 179 12.19 15.91 -12.14
C LYS B 179 11.62 15.94 -13.55
N GLU B 180 12.05 16.91 -14.34
CA GLU B 180 11.59 17.02 -15.72
C GLU B 180 12.23 15.94 -16.59
N GLN B 181 13.51 15.68 -16.38
CA GLN B 181 14.21 14.58 -17.06
C GLN B 181 14.73 13.62 -16.01
N PRO B 182 13.90 12.64 -15.61
CA PRO B 182 14.30 11.68 -14.58
C PRO B 182 15.66 11.05 -14.84
N ALA B 183 16.00 10.86 -16.12
CA ALA B 183 17.26 10.23 -16.48
C ALA B 183 18.46 10.94 -15.88
N LEU B 184 18.43 12.27 -15.86
CA LEU B 184 19.58 13.06 -15.46
C LEU B 184 19.71 13.27 -13.96
N ASN B 185 20.95 13.29 -13.48
CA ASN B 185 21.23 13.68 -12.11
C ASN B 185 21.19 15.19 -12.00
N ASP B 186 21.25 15.86 -13.14
CA ASP B 186 21.26 17.32 -13.20
C ASP B 186 19.91 17.86 -13.66
N SER B 187 18.86 17.06 -13.53
CA SER B 187 17.55 17.44 -14.04
C SER B 187 16.99 18.70 -13.38
N ARG B 188 16.28 19.49 -14.18
CA ARG B 188 15.53 20.61 -13.63
C ARG B 188 14.24 20.07 -13.07
N TYR B 189 13.48 20.92 -12.38
CA TYR B 189 12.26 20.50 -11.70
C TYR B 189 11.04 21.31 -12.12
N SER B 190 9.87 20.73 -11.90
CA SER B 190 8.61 21.43 -12.02
C SER B 190 7.84 21.24 -10.73
N LEU B 191 6.88 22.12 -10.47
CA LEU B 191 6.05 22.04 -9.28
C LEU B 191 4.69 22.63 -9.62
N SER B 192 3.62 21.97 -9.22
CA SER B 192 2.29 22.49 -9.50
C SER B 192 1.52 22.76 -8.23
N SER B 193 0.57 23.69 -8.31
CA SER B 193 -0.33 23.96 -7.19
C SER B 193 -1.71 24.31 -7.73
N ARG B 194 -2.75 24.12 -6.92
CA ARG B 194 -4.10 24.56 -7.26
C ARG B 194 -4.64 25.49 -6.19
N LEU B 195 -5.45 26.47 -6.59
CA LEU B 195 -6.27 27.22 -5.67
C LEU B 195 -7.71 27.16 -6.15
N ARG B 196 -8.59 26.57 -5.37
CA ARG B 196 -9.99 26.47 -5.77
C ARG B 196 -10.88 27.41 -4.98
N VAL B 197 -11.65 28.21 -5.70
CA VAL B 197 -12.55 29.20 -5.12
C VAL B 197 -13.95 29.00 -5.69
N SER B 198 -14.96 29.53 -5.01
CA SER B 198 -16.30 29.45 -5.56
C SER B 198 -16.31 30.16 -6.92
N ALA B 199 -17.09 29.65 -7.87
CA ALA B 199 -17.12 30.23 -9.21
C ALA B 199 -17.47 31.72 -9.22
N THR B 200 -18.37 32.15 -8.33
CA THR B 200 -18.77 33.56 -8.34
C THR B 200 -17.62 34.46 -7.90
N PHE B 201 -16.72 33.93 -7.07
CA PHE B 201 -15.56 34.72 -6.69
C PHE B 201 -14.56 34.86 -7.85
N TRP B 202 -14.30 33.79 -8.58
CA TRP B 202 -13.45 33.88 -9.76
C TRP B 202 -14.06 34.83 -10.79
N GLN B 203 -15.39 34.88 -10.84
CA GLN B 203 -16.09 35.66 -11.87
C GLN B 203 -16.08 37.16 -11.58
N ASN B 204 -15.83 37.52 -10.34
CA ASN B 204 -15.79 38.92 -9.93
C ASN B 204 -14.51 39.62 -10.43
N PRO B 205 -14.66 40.59 -11.34
CA PRO B 205 -13.48 41.26 -11.93
C PRO B 205 -12.73 42.17 -10.96
N ARG B 206 -13.27 42.41 -9.77
CA ARG B 206 -12.56 43.14 -8.72
C ARG B 206 -11.60 42.24 -7.94
N ASN B 207 -11.65 40.93 -8.20
CA ASN B 207 -10.76 39.99 -7.51
C ASN B 207 -9.47 39.75 -8.27
N HIS B 208 -8.35 39.84 -7.55
CA HIS B 208 -7.01 39.71 -8.11
C HIS B 208 -6.34 38.46 -7.51
N PHE B 209 -5.88 37.55 -8.38
CA PHE B 209 -5.27 36.30 -7.95
C PHE B 209 -3.83 36.26 -8.39
N ARG B 210 -2.94 35.82 -7.50
CA ARG B 210 -1.52 35.74 -7.82
C ARG B 210 -0.90 34.47 -7.25
N CYS B 211 -0.24 33.73 -8.13
CA CYS B 211 0.60 32.61 -7.74
C CYS B 211 2.02 33.11 -7.63
N GLN B 212 2.70 32.72 -6.56
CA GLN B 212 4.03 33.27 -6.25
C GLN B 212 5.00 32.16 -5.89
N VAL B 213 6.18 32.16 -6.50
CA VAL B 213 7.18 31.16 -6.20
C VAL B 213 8.46 31.81 -5.66
N GLN B 214 8.72 31.58 -4.38
CA GLN B 214 9.94 32.07 -3.75
C GLN B 214 11.09 31.11 -4.03
N PHE B 215 12.05 31.57 -4.84
CA PHE B 215 13.18 30.76 -5.30
C PHE B 215 14.45 31.08 -4.52
N TYR B 216 15.13 30.05 -4.04
CA TYR B 216 16.40 30.20 -3.34
C TYR B 216 17.54 29.94 -4.33
N GLY B 217 18.38 30.95 -4.54
CA GLY B 217 19.40 30.90 -5.58
C GLY B 217 20.69 31.57 -5.16
N LEU B 218 21.39 32.17 -6.12
CA LEU B 218 22.68 32.79 -5.83
C LEU B 218 22.53 34.12 -5.09
N SER B 219 23.61 34.53 -4.42
CA SER B 219 23.64 35.82 -3.73
C SER B 219 24.58 36.77 -4.45
N GLU B 220 24.68 38.00 -3.96
CA GLU B 220 25.60 38.98 -4.54
C GLU B 220 27.05 38.56 -4.34
N ASN B 221 27.31 37.72 -3.33
CA ASN B 221 28.65 37.24 -3.04
C ASN B 221 29.10 36.17 -4.02
N ASP B 222 28.18 35.63 -4.81
CA ASP B 222 28.52 34.66 -5.84
C ASP B 222 28.83 35.41 -7.13
N GLU B 223 29.88 34.99 -7.83
CA GLU B 223 30.24 35.63 -9.09
C GLU B 223 29.36 35.11 -10.21
N TRP B 224 29.10 35.96 -11.20
CA TRP B 224 28.30 35.56 -12.34
C TRP B 224 28.83 36.22 -13.60
N THR B 225 29.24 35.38 -14.56
CA THR B 225 29.85 35.87 -15.79
C THR B 225 29.04 35.53 -17.04
N GLN B 226 28.00 34.72 -16.90
CA GLN B 226 27.23 34.26 -18.05
C GLN B 226 26.23 35.32 -18.49
N ASP B 227 25.77 35.22 -19.74
CA ASP B 227 24.93 36.26 -20.33
C ASP B 227 23.54 36.35 -19.69
N ARG B 228 22.86 35.23 -19.51
CA ARG B 228 21.55 35.27 -18.89
C ARG B 228 21.64 35.89 -17.50
N ALA B 229 20.52 36.42 -17.01
CA ALA B 229 20.49 37.09 -15.72
C ALA B 229 21.05 36.18 -14.64
N LYS B 230 21.79 36.78 -13.71
CA LYS B 230 22.25 36.06 -12.53
C LYS B 230 21.04 35.45 -11.81
N PRO B 231 21.03 34.12 -11.62
CA PRO B 231 19.88 33.44 -11.00
C PRO B 231 19.91 33.59 -9.48
N VAL B 232 19.71 34.82 -9.01
CA VAL B 232 19.71 35.11 -7.60
C VAL B 232 18.45 34.60 -6.94
N THR B 233 18.50 34.55 -5.62
CA THR B 233 17.29 34.40 -4.81
C THR B 233 16.34 35.51 -5.25
N GLN B 234 15.09 35.13 -5.47
CA GLN B 234 14.11 36.02 -6.07
C GLN B 234 12.72 35.42 -6.01
N ILE B 235 11.75 36.24 -6.35
CA ILE B 235 10.37 35.82 -6.46
C ILE B 235 9.93 35.92 -7.90
N VAL B 236 9.26 34.88 -8.39
CA VAL B 236 8.66 34.87 -9.71
C VAL B 236 7.19 34.55 -9.50
N SER B 237 6.31 35.40 -10.05
N SER B 237 6.32 35.39 -10.06
CA SER B 237 4.88 35.22 -9.87
CA SER B 237 4.89 35.23 -9.87
C SER B 237 4.13 35.34 -11.19
C SER B 237 4.13 35.31 -11.20
N ALA B 238 2.89 34.84 -11.19
CA ALA B 238 1.99 35.03 -12.31
C ALA B 238 0.66 35.49 -11.73
N GLU B 239 0.00 36.40 -12.43
CA GLU B 239 -1.21 37.04 -11.92
C GLU B 239 -2.36 36.98 -12.92
N ALA B 240 -3.58 37.16 -12.40
CA ALA B 240 -4.76 37.34 -13.24
C ALA B 240 -5.91 37.90 -12.40
N TRP B 241 -6.80 38.63 -13.06
CA TRP B 241 -7.99 39.18 -12.43
C TRP B 241 -9.14 38.28 -12.81
N GLY B 242 -10.14 38.17 -11.94
CA GLY B 242 -11.32 37.38 -12.23
C GLY B 242 -12.05 37.94 -13.44
N ARG B 243 -12.88 37.11 -14.06
CA ARG B 243 -13.62 37.52 -15.26
C ARG B 243 -14.97 36.82 -15.32
N ALA B 244 -15.95 37.47 -15.94
CA ALA B 244 -17.27 36.89 -16.08
C ALA B 244 -17.27 35.88 -17.23
N GLN C 3 -20.58 2.22 -4.76
CA GLN C 3 -20.04 1.62 -3.55
C GLN C 3 -20.47 2.42 -2.33
N LYS C 4 -21.53 1.95 -1.66
CA LYS C 4 -22.07 2.65 -0.50
C LYS C 4 -21.20 2.49 0.74
N VAL C 5 -20.34 1.48 0.75
CA VAL C 5 -19.51 1.17 1.92
C VAL C 5 -18.04 1.16 1.49
N GLN C 6 -17.24 2.06 2.07
CA GLN C 6 -15.83 2.18 1.69
C GLN C 6 -14.88 1.64 2.76
N GLN C 7 -14.10 0.64 2.40
CA GLN C 7 -13.25 -0.01 3.37
C GLN C 7 -11.81 0.34 3.09
N SER C 8 -11.02 0.52 4.14
CA SER C 8 -9.58 0.67 3.95
C SER C 8 -8.86 0.10 5.16
N PRO C 9 -7.57 -0.23 5.00
CA PRO C 9 -6.82 -0.12 3.75
C PRO C 9 -7.12 -1.28 2.82
N GLU C 10 -6.57 -1.22 1.60
CA GLU C 10 -6.79 -2.30 0.63
C GLU C 10 -6.06 -3.57 1.07
N SER C 11 -4.85 -3.39 1.60
CA SER C 11 -4.04 -4.51 2.10
C SER C 11 -3.22 -4.06 3.29
N LEU C 12 -2.69 -5.01 4.06
CA LEU C 12 -1.98 -4.65 5.26
C LEU C 12 -1.01 -5.75 5.66
N SER C 13 0.27 -5.42 5.73
CA SER C 13 1.24 -6.34 6.29
C SER C 13 1.43 -5.97 7.75
N VAL C 14 1.41 -6.99 8.60
CA VAL C 14 1.46 -6.83 10.04
C VAL C 14 2.43 -7.86 10.59
N PRO C 15 3.40 -7.43 11.42
CA PRO C 15 4.29 -8.42 12.02
C PRO C 15 3.54 -9.25 13.04
N GLU C 16 3.93 -10.53 13.18
CA GLU C 16 3.40 -11.38 14.22
C GLU C 16 3.54 -10.63 15.52
N GLY C 17 2.52 -10.71 16.36
CA GLY C 17 2.51 -10.01 17.63
C GLY C 17 2.06 -8.57 17.52
N GLY C 18 1.98 -8.06 16.29
CA GLY C 18 1.71 -6.63 16.08
C GLY C 18 0.23 -6.30 15.99
N MET C 19 -0.12 -5.03 15.78
CA MET C 19 -1.54 -4.68 15.69
C MET C 19 -1.94 -4.11 14.34
N ALA C 20 -3.24 -4.21 14.06
CA ALA C 20 -3.81 -3.75 12.81
C ALA C 20 -5.17 -3.09 13.03
N SER C 21 -5.48 -2.08 12.22
CA SER C 21 -6.77 -1.42 12.25
C SER C 21 -7.38 -1.39 10.86
N LEU C 22 -8.63 -1.84 10.77
CA LEU C 22 -9.37 -1.78 9.53
C LEU C 22 -10.49 -0.77 9.73
N ASN C 23 -10.86 -0.09 8.66
CA ASN C 23 -11.84 0.98 8.72
C ASN C 23 -12.90 0.82 7.66
N CYS C 24 -14.08 1.36 7.96
N CYS C 24 -14.11 1.25 7.98
CA CYS C 24 -15.24 1.26 7.10
CA CYS C 24 -15.16 1.32 6.97
C CYS C 24 -16.06 2.53 7.27
C CYS C 24 -16.01 2.54 7.24
N THR C 25 -16.32 3.25 6.18
CA THR C 25 -17.13 4.46 6.26
C THR C 25 -18.26 4.29 5.28
N SER C 26 -19.36 4.99 5.49
CA SER C 26 -20.50 4.90 4.59
C SER C 26 -21.20 6.24 4.44
N SER C 27 -21.79 6.45 3.27
CA SER C 27 -22.57 7.66 3.01
C SER C 27 -24.04 7.46 3.36
N ASP C 28 -24.46 6.21 3.50
CA ASP C 28 -25.85 5.88 3.79
C ASP C 28 -26.17 5.84 5.28
N ARG C 29 -26.99 6.79 5.73
CA ARG C 29 -27.35 6.90 7.15
C ARG C 29 -28.21 5.74 7.64
N ASN C 30 -28.85 5.03 6.72
CA ASN C 30 -29.76 3.93 7.07
C ASN C 30 -29.04 2.72 7.67
N PHE C 31 -27.74 2.61 7.44
CA PHE C 31 -26.98 1.47 7.96
C PHE C 31 -26.99 1.46 9.50
N GLN C 32 -27.36 0.31 10.07
CA GLN C 32 -27.56 0.18 11.51
C GLN C 32 -26.79 -1.01 12.07
N TYR C 33 -26.80 -2.10 11.33
CA TYR C 33 -26.19 -3.34 11.78
C TYR C 33 -24.90 -3.61 11.00
N PHE C 34 -23.81 -3.78 11.73
CA PHE C 34 -22.50 -3.92 11.11
C PHE C 34 -21.85 -5.22 11.50
N TRP C 35 -21.07 -5.77 10.58
CA TRP C 35 -20.46 -7.07 10.76
C TRP C 35 -19.03 -6.98 10.25
N TRP C 36 -18.11 -7.65 10.93
CA TRP C 36 -16.83 -7.97 10.32
C TRP C 36 -16.83 -9.46 9.92
N TYR C 37 -16.57 -9.72 8.64
CA TYR C 37 -16.39 -11.09 8.14
C TYR C 37 -14.92 -11.35 7.86
N ARG C 38 -14.52 -12.60 8.01
CA ARG C 38 -13.20 -13.05 7.63
C ARG C 38 -13.34 -14.16 6.59
N GLN C 39 -12.48 -14.19 5.58
CA GLN C 39 -12.55 -15.23 4.57
C GLN C 39 -11.15 -15.77 4.27
N HIS C 40 -10.97 -17.05 4.55
CA HIS C 40 -9.71 -17.73 4.25
C HIS C 40 -9.75 -18.33 2.85
N SER C 41 -8.58 -18.57 2.28
CA SER C 41 -8.47 -19.04 0.90
C SER C 41 -9.37 -20.23 0.61
N GLY C 42 -10.15 -20.14 -0.45
CA GLY C 42 -10.99 -21.25 -0.90
C GLY C 42 -12.11 -21.59 0.06
N GLU C 43 -12.42 -20.68 0.97
CA GLU C 43 -13.54 -20.88 1.89
C GLU C 43 -14.56 -19.78 1.70
N GLY C 44 -15.76 -19.98 2.23
CA GLY C 44 -16.76 -18.95 2.24
C GLY C 44 -16.47 -18.04 3.41
N PRO C 45 -17.05 -16.83 3.42
CA PRO C 45 -16.77 -15.88 4.50
C PRO C 45 -17.50 -16.28 5.77
N LYS C 46 -16.97 -15.90 6.91
CA LYS C 46 -17.55 -16.29 8.18
C LYS C 46 -17.61 -15.06 9.06
N ALA C 47 -18.73 -14.85 9.74
CA ALA C 47 -18.85 -13.70 10.62
C ALA C 47 -17.84 -13.83 11.76
N LEU C 48 -17.08 -12.75 11.96
CA LEU C 48 -16.09 -12.69 13.03
C LEU C 48 -16.74 -12.09 14.26
N MET C 49 -17.48 -10.99 14.04
CA MET C 49 -18.28 -10.40 15.11
C MET C 49 -19.24 -9.37 14.52
N SER C 50 -20.21 -8.96 15.32
CA SER C 50 -21.16 -7.95 14.91
C SER C 50 -21.07 -6.80 15.90
N ILE C 51 -21.55 -5.64 15.50
CA ILE C 51 -21.66 -4.52 16.42
C ILE C 51 -22.87 -3.70 15.97
N PHE C 52 -23.79 -3.46 16.91
CA PHE C 52 -25.09 -2.90 16.58
C PHE C 52 -25.32 -1.56 17.28
N SER C 53 -24.43 -1.21 18.21
CA SER C 53 -24.59 0.03 18.98
C SER C 53 -23.25 0.72 19.21
N ASP C 54 -23.27 2.04 19.29
CA ASP C 54 -22.07 2.85 19.47
C ASP C 54 -21.17 2.33 20.58
N GLY C 55 -19.85 2.47 20.43
CA GLY C 55 -18.89 2.11 21.47
C GLY C 55 -17.93 1.01 21.05
N ASP C 56 -17.26 0.38 22.01
CA ASP C 56 -16.33 -0.71 21.70
C ASP C 56 -16.97 -2.06 22.03
N LYS C 57 -16.63 -3.07 21.24
CA LYS C 57 -17.01 -4.44 21.56
C LYS C 57 -15.77 -5.31 21.45
N LYS C 58 -15.33 -5.85 22.59
CA LYS C 58 -14.09 -6.62 22.64
C LYS C 58 -14.37 -8.11 22.74
N GLU C 59 -13.70 -8.88 21.89
CA GLU C 59 -13.74 -10.32 21.98
C GLU C 59 -12.34 -10.88 21.72
N GLY C 60 -11.66 -11.28 22.78
CA GLY C 60 -10.30 -11.76 22.66
C GLY C 60 -9.47 -10.66 22.05
N ARG C 61 -8.75 -10.99 20.97
CA ARG C 61 -7.80 -10.08 20.36
C ARG C 61 -8.43 -9.03 19.44
N PHE C 62 -9.74 -9.11 19.28
CA PHE C 62 -10.44 -8.26 18.32
C PHE C 62 -11.33 -7.27 19.03
N THR C 63 -11.35 -6.04 18.55
CA THR C 63 -12.26 -5.05 19.08
C THR C 63 -12.91 -4.31 17.93
N ALA C 64 -14.23 -4.35 17.86
CA ALA C 64 -14.93 -3.56 16.86
C ALA C 64 -15.34 -2.24 17.50
N HIS C 65 -15.36 -1.17 16.73
CA HIS C 65 -15.80 0.11 17.25
C HIS C 65 -16.76 0.72 16.26
N LEU C 66 -17.85 1.29 16.76
CA LEU C 66 -18.88 1.85 15.92
C LEU C 66 -19.26 3.25 16.39
N ASN C 67 -19.35 4.19 15.45
CA ASN C 67 -19.93 5.50 15.70
C ASN C 67 -20.97 5.82 14.63
N LYS C 68 -22.24 5.61 14.96
CA LYS C 68 -23.28 5.63 13.94
C LYS C 68 -23.48 7.04 13.40
N ALA C 69 -23.43 8.03 14.28
CA ALA C 69 -23.61 9.42 13.89
C ALA C 69 -22.76 9.75 12.67
N SER C 70 -21.47 9.43 12.76
CA SER C 70 -20.54 9.72 11.67
C SER C 70 -20.40 8.55 10.70
N LEU C 71 -21.03 7.42 11.03
CA LEU C 71 -21.00 6.24 10.18
C LEU C 71 -19.59 5.70 9.94
N HIS C 72 -18.88 5.44 11.03
N HIS C 72 -18.89 5.42 11.04
CA HIS C 72 -17.61 4.75 10.92
CA HIS C 72 -17.59 4.78 10.99
C HIS C 72 -17.63 3.49 11.77
C HIS C 72 -17.64 3.48 11.78
N VAL C 73 -16.99 2.44 11.26
CA VAL C 73 -16.88 1.18 11.98
C VAL C 73 -15.44 0.78 11.81
N SER C 74 -14.87 0.14 12.82
CA SER C 74 -13.49 -0.32 12.68
C SER C 74 -13.28 -1.63 13.37
N LEU C 75 -12.19 -2.29 13.01
CA LEU C 75 -11.80 -3.52 13.64
C LEU C 75 -10.35 -3.37 14.07
N HIS C 76 -10.07 -3.64 15.33
CA HIS C 76 -8.72 -3.56 15.87
C HIS C 76 -8.23 -4.96 16.22
N ILE C 77 -7.11 -5.38 15.63
CA ILE C 77 -6.52 -6.68 15.93
C ILE C 77 -5.23 -6.50 16.74
N ARG C 78 -5.19 -7.13 17.91
CA ARG C 78 -4.01 -7.10 18.77
C ARG C 78 -3.23 -8.40 18.65
N ASP C 79 -1.92 -8.32 18.83
CA ASP C 79 -1.11 -9.52 18.98
C ASP C 79 -1.45 -10.49 17.83
N SER C 80 -1.30 -10.00 16.60
CA SER C 80 -1.72 -10.74 15.41
C SER C 80 -1.00 -12.08 15.28
N GLN C 81 -1.75 -13.11 14.90
CA GLN C 81 -1.23 -14.46 14.74
C GLN C 81 -1.18 -14.84 13.27
N PRO C 82 -0.37 -15.84 12.92
CA PRO C 82 -0.29 -16.28 11.53
C PRO C 82 -1.65 -16.61 10.92
N SER C 83 -2.52 -17.28 11.67
CA SER C 83 -3.82 -17.69 11.17
C SER C 83 -4.79 -16.51 10.96
N ASP C 84 -4.38 -15.30 11.33
CA ASP C 84 -5.18 -14.10 11.06
C ASP C 84 -5.00 -13.66 9.62
N SER C 85 -4.01 -14.22 8.92
CA SER C 85 -3.83 -13.82 7.52
C SER C 85 -5.07 -14.25 6.76
N ALA C 86 -5.76 -13.29 6.16
CA ALA C 86 -7.01 -13.56 5.46
C ALA C 86 -7.57 -12.31 4.80
N LEU C 87 -8.70 -12.49 4.14
CA LEU C 87 -9.43 -11.35 3.62
C LEU C 87 -10.43 -10.93 4.69
N TYR C 88 -10.53 -9.62 4.98
CA TYR C 88 -11.50 -9.13 5.96
C TYR C 88 -12.50 -8.19 5.29
N PHE C 89 -13.78 -8.33 5.62
CA PHE C 89 -14.80 -7.44 5.09
C PHE C 89 -15.61 -6.84 6.20
N CYS C 90 -15.96 -5.56 6.04
N CYS C 90 -15.94 -5.57 6.07
CA CYS C 90 -17.00 -4.92 6.84
CA CYS C 90 -17.02 -5.02 6.88
C CYS C 90 -18.29 -4.97 6.03
C CYS C 90 -18.26 -5.26 6.05
N ALA C 91 -19.42 -5.26 6.68
CA ALA C 91 -20.65 -5.50 5.96
C ALA C 91 -21.77 -4.90 6.78
N ALA C 92 -22.72 -4.27 6.13
CA ALA C 92 -23.78 -3.58 6.85
C ALA C 92 -25.16 -3.85 6.24
N SER C 93 -26.19 -3.76 7.07
CA SER C 93 -27.57 -3.77 6.59
C SER C 93 -28.36 -2.69 7.32
N GLU C 94 -29.52 -2.35 6.78
CA GLU C 94 -30.37 -1.28 7.31
C GLU C 94 -31.53 -1.77 8.18
N GLN C 95 -32.45 -2.50 7.57
CA GLN C 95 -33.76 -2.81 8.17
C GLN C 95 -33.70 -3.37 9.59
N ASN C 96 -34.60 -2.89 10.43
CA ASN C 96 -34.71 -3.39 11.80
C ASN C 96 -35.40 -4.75 11.87
N ASN C 97 -36.16 -5.10 10.84
CA ASN C 97 -37.16 -6.19 10.89
C ASN C 97 -36.65 -7.59 10.56
N TYR C 98 -35.64 -7.65 9.71
CA TYR C 98 -35.22 -8.92 9.14
C TYR C 98 -33.77 -8.85 8.68
N ALA C 99 -33.22 -10.01 8.35
CA ALA C 99 -31.85 -10.07 7.88
C ALA C 99 -31.80 -9.73 6.38
N GLN C 100 -31.49 -8.47 6.10
CA GLN C 100 -31.50 -7.92 4.76
C GLN C 100 -30.20 -8.27 4.03
N GLY C 101 -30.22 -8.22 2.70
CA GLY C 101 -29.02 -8.46 1.94
C GLY C 101 -27.93 -7.53 2.42
N LEU C 102 -26.71 -8.03 2.59
CA LEU C 102 -25.61 -7.21 3.12
C LEU C 102 -24.87 -6.43 2.02
N THR C 103 -24.39 -5.25 2.38
CA THR C 103 -23.50 -4.46 1.53
C THR C 103 -22.10 -4.61 2.12
N PHE C 104 -21.19 -5.12 1.30
CA PHE C 104 -19.82 -5.40 1.75
C PHE C 104 -18.87 -4.30 1.30
N GLY C 105 -17.86 -4.03 2.12
CA GLY C 105 -16.72 -3.26 1.65
C GLY C 105 -15.93 -4.13 0.69
N LEU C 106 -14.95 -3.53 0.00
CA LEU C 106 -14.20 -4.27 -1.01
C LEU C 106 -13.19 -5.20 -0.33
N GLY C 107 -13.00 -5.06 0.97
CA GLY C 107 -12.18 -5.99 1.72
C GLY C 107 -10.75 -5.52 1.93
N THR C 108 -10.10 -6.11 2.94
CA THR C 108 -8.68 -5.86 3.20
C THR C 108 -7.94 -7.18 3.27
N ARG C 109 -6.91 -7.34 2.44
CA ARG C 109 -6.07 -8.52 2.50
C ARG C 109 -5.04 -8.29 3.59
N VAL C 110 -5.15 -9.05 4.69
CA VAL C 110 -4.24 -8.91 5.81
C VAL C 110 -3.21 -10.05 5.78
N SER C 111 -1.93 -9.70 5.71
CA SER C 111 -0.84 -10.67 5.85
C SER C 111 -0.07 -10.47 7.13
N VAL C 112 0.03 -11.53 7.91
CA VAL C 112 0.85 -11.52 9.13
C VAL C 112 2.19 -12.16 8.84
N PHE C 113 3.28 -11.44 9.10
CA PHE C 113 4.62 -11.91 8.75
C PHE C 113 5.53 -12.07 9.97
N PRO C 114 6.40 -13.08 9.94
CA PRO C 114 7.29 -13.40 11.07
C PRO C 114 8.56 -12.54 11.13
N TYR C 115 9.09 -12.32 12.34
CA TYR C 115 10.43 -11.79 12.53
C TYR C 115 11.47 -12.90 12.35
N ILE C 116 12.31 -12.78 11.32
CA ILE C 116 13.33 -13.79 11.05
C ILE C 116 14.54 -13.55 11.93
N GLN C 117 14.69 -14.35 12.99
CA GLN C 117 15.76 -14.19 13.96
C GLN C 117 17.14 -14.25 13.31
N ASN C 118 17.38 -15.29 12.53
CA ASN C 118 18.70 -15.47 11.91
C ASN C 118 18.60 -15.68 10.41
N PRO C 119 18.45 -14.57 9.66
CA PRO C 119 18.36 -14.67 8.21
C PRO C 119 19.57 -15.38 7.62
N ASP C 120 19.38 -16.00 6.46
CA ASP C 120 20.50 -16.61 5.76
C ASP C 120 20.17 -16.63 4.27
N PRO C 121 19.94 -15.43 3.71
CA PRO C 121 19.47 -15.25 2.33
C PRO C 121 20.31 -16.04 1.34
N ALA C 122 19.66 -16.79 0.47
CA ALA C 122 20.37 -17.65 -0.47
C ALA C 122 19.54 -17.89 -1.73
N VAL C 123 20.20 -18.19 -2.84
CA VAL C 123 19.52 -18.56 -4.06
C VAL C 123 19.99 -19.95 -4.49
N TYR C 124 19.05 -20.89 -4.59
CA TYR C 124 19.39 -22.28 -4.86
C TYR C 124 18.81 -22.75 -6.19
N GLN C 125 19.32 -23.85 -6.70
CA GLN C 125 18.82 -24.41 -7.94
C GLN C 125 18.33 -25.83 -7.66
N LEU C 126 17.09 -26.09 -8.06
CA LEU C 126 16.44 -27.38 -7.83
C LEU C 126 16.12 -28.00 -9.17
N ARG C 127 16.26 -29.32 -9.27
CA ARG C 127 15.97 -29.98 -10.55
C ARG C 127 14.80 -30.96 -10.54
N ASP C 128 14.12 -30.99 -11.67
CA ASP C 128 12.92 -31.80 -11.85
C ASP C 128 13.24 -33.28 -11.65
N SER C 129 12.47 -33.95 -10.81
CA SER C 129 12.69 -35.36 -10.50
C SER C 129 12.52 -36.25 -11.72
N LYS C 130 11.67 -35.85 -12.65
CA LYS C 130 11.45 -36.63 -13.86
C LYS C 130 12.46 -36.29 -14.96
N SER C 131 12.61 -35.00 -15.26
CA SER C 131 13.53 -34.57 -16.32
C SER C 131 14.58 -33.59 -15.81
N SER C 132 15.80 -34.06 -15.63
CA SER C 132 16.87 -33.22 -15.06
C SER C 132 17.21 -32.00 -15.93
N ASP C 133 16.68 -31.97 -17.14
CA ASP C 133 16.90 -30.82 -18.02
C ASP C 133 16.30 -29.55 -17.43
N LYS C 134 15.22 -29.70 -16.66
CA LYS C 134 14.46 -28.56 -16.15
C LYS C 134 14.79 -28.22 -14.69
N SER C 135 14.57 -26.96 -14.31
CA SER C 135 14.82 -26.53 -12.93
C SER C 135 14.09 -25.24 -12.55
N VAL C 136 14.06 -24.94 -11.26
CA VAL C 136 13.61 -23.65 -10.74
C VAL C 136 14.67 -23.06 -9.81
N CYS C 137 14.53 -21.78 -9.47
CA CYS C 137 15.43 -21.12 -8.55
C CYS C 137 14.67 -20.76 -7.29
N LEU C 138 15.27 -20.99 -6.15
CA LEU C 138 14.62 -20.76 -4.87
C LEU C 138 15.37 -19.71 -4.08
N PHE C 139 14.83 -18.51 -4.05
CA PHE C 139 15.35 -17.45 -3.20
C PHE C 139 14.70 -17.63 -1.84
N THR C 140 15.49 -17.87 -0.80
CA THR C 140 14.93 -18.25 0.48
C THR C 140 15.72 -17.72 1.66
N ASP C 141 15.06 -17.67 2.81
CA ASP C 141 15.70 -17.43 4.10
C ASP C 141 16.04 -15.95 4.35
N PHE C 142 15.66 -15.07 3.44
CA PHE C 142 15.82 -13.63 3.67
C PHE C 142 14.93 -13.20 4.84
N ASP C 143 15.15 -12.00 5.36
CA ASP C 143 14.35 -11.51 6.48
C ASP C 143 13.12 -10.79 5.96
N SER C 144 12.31 -10.26 6.87
CA SER C 144 11.09 -9.56 6.50
C SER C 144 11.34 -8.15 5.96
N GLN C 145 12.60 -7.70 5.96
CA GLN C 145 12.93 -6.38 5.42
C GLN C 145 13.19 -6.46 3.91
N THR C 146 13.15 -7.68 3.37
CA THR C 146 13.41 -7.89 1.94
C THR C 146 12.11 -8.01 1.15
N ASN C 147 12.03 -7.27 0.04
CA ASN C 147 10.89 -7.36 -0.86
C ASN C 147 11.27 -8.03 -2.18
N VAL C 148 10.44 -8.96 -2.63
CA VAL C 148 10.67 -9.63 -3.90
C VAL C 148 9.94 -8.92 -5.02
N SER C 149 10.68 -8.61 -6.09
CA SER C 149 10.14 -7.86 -7.23
C SER C 149 9.69 -8.79 -8.32
N GLN C 150 8.67 -8.38 -9.06
CA GLN C 150 8.19 -9.16 -10.20
C GLN C 150 9.27 -9.15 -11.27
N SER C 151 9.13 -10.01 -12.27
CA SER C 151 10.13 -10.14 -13.31
C SER C 151 10.32 -8.85 -14.12
N ASP C 153 11.66 -9.70 -17.27
CA ASP C 153 11.90 -10.24 -18.60
C ASP C 153 10.60 -10.72 -19.22
N SER C 154 9.62 -11.01 -18.38
CA SER C 154 8.27 -11.39 -18.83
C SER C 154 8.20 -12.83 -19.32
N ASP C 155 9.33 -13.35 -19.80
CA ASP C 155 9.45 -14.76 -20.15
C ASP C 155 9.95 -15.48 -18.90
N VAL C 156 10.14 -14.71 -17.83
CA VAL C 156 10.57 -15.25 -16.55
C VAL C 156 9.47 -15.06 -15.51
N TYR C 157 9.23 -16.09 -14.71
CA TYR C 157 8.16 -16.06 -13.72
C TYR C 157 8.74 -16.01 -12.32
N ILE C 158 8.19 -15.11 -11.50
CA ILE C 158 8.64 -14.98 -10.12
C ILE C 158 7.41 -14.83 -9.25
N THR C 159 7.30 -15.67 -8.24
CA THR C 159 6.16 -15.63 -7.34
C THR C 159 6.46 -14.59 -6.27
N ASP C 160 5.44 -14.16 -5.56
CA ASP C 160 5.65 -13.31 -4.40
C ASP C 160 6.24 -14.18 -3.29
N LYS C 161 6.78 -13.55 -2.25
CA LYS C 161 7.28 -14.32 -1.13
C LYS C 161 6.13 -15.05 -0.45
N CYS C 162 6.45 -16.22 0.09
CA CYS C 162 5.50 -16.96 0.89
C CYS C 162 6.23 -17.44 2.14
N VAL C 163 5.49 -17.53 3.24
CA VAL C 163 6.04 -17.90 4.54
C VAL C 163 5.62 -19.33 4.89
N LEU C 164 6.60 -20.21 5.08
CA LEU C 164 6.28 -21.56 5.56
C LEU C 164 6.73 -21.72 7.02
N ASP C 165 6.17 -22.72 7.69
CA ASP C 165 6.38 -22.89 9.11
C ASP C 165 6.64 -24.35 9.48
N MET C 166 7.90 -24.69 9.67
CA MET C 166 8.27 -26.01 10.18
C MET C 166 8.01 -25.99 11.69
N ARG C 167 6.76 -26.28 12.06
CA ARG C 167 6.31 -26.13 13.44
C ARG C 167 7.13 -26.96 14.44
N SER C 168 7.48 -28.18 14.05
CA SER C 168 8.21 -29.07 14.97
C SER C 168 9.62 -28.55 15.26
N MET C 169 10.13 -27.70 14.37
CA MET C 169 11.45 -27.11 14.54
C MET C 169 11.38 -25.68 15.08
N ASP C 170 10.16 -25.21 15.33
CA ASP C 170 9.93 -23.82 15.71
C ASP C 170 10.73 -22.88 14.80
N PHE C 171 10.53 -23.03 13.49
CA PHE C 171 11.32 -22.34 12.49
C PHE C 171 10.43 -21.91 11.33
N LYS C 172 10.52 -20.64 10.97
CA LYS C 172 9.76 -20.13 9.83
C LYS C 172 10.71 -19.52 8.82
N SER C 173 10.39 -19.67 7.54
CA SER C 173 11.22 -19.09 6.49
C SER C 173 10.39 -18.51 5.35
N ASN C 174 11.00 -17.56 4.66
CA ASN C 174 10.41 -16.88 3.54
C ASN C 174 11.07 -17.44 2.30
N SER C 175 10.33 -17.49 1.21
CA SER C 175 10.92 -17.92 -0.04
C SER C 175 10.12 -17.38 -1.22
N ALA C 176 10.79 -17.28 -2.35
CA ALA C 176 10.13 -16.95 -3.59
C ALA C 176 10.71 -17.88 -4.62
N VAL C 177 9.94 -18.19 -5.65
CA VAL C 177 10.39 -19.12 -6.66
C VAL C 177 10.41 -18.43 -8.00
N ALA C 178 11.44 -18.71 -8.77
CA ALA C 178 11.56 -18.16 -10.11
C ALA C 178 11.90 -19.27 -11.08
N TRP C 179 11.36 -19.19 -12.28
CA TRP C 179 11.70 -20.16 -13.30
C TRP C 179 11.45 -19.53 -14.67
N SER C 180 11.91 -20.20 -15.71
CA SER C 180 11.78 -19.69 -17.06
C SER C 180 12.26 -20.73 -18.05
N ASN C 181 12.27 -20.38 -19.32
CA ASN C 181 12.94 -21.18 -20.34
C ASN C 181 13.95 -20.33 -21.11
N LYS C 182 15.23 -20.51 -20.76
CA LYS C 182 16.31 -19.69 -21.32
C LYS C 182 15.84 -18.28 -21.64
N ASP C 184 19.37 -18.84 -21.68
CA ASP C 184 19.84 -17.52 -21.24
C ASP C 184 19.62 -17.31 -19.74
N PHE C 185 18.51 -17.85 -19.24
CA PHE C 185 18.11 -17.68 -17.84
C PHE C 185 18.94 -18.54 -16.90
N ALA C 186 19.36 -17.95 -15.78
CA ALA C 186 20.13 -18.66 -14.78
C ALA C 186 19.84 -18.08 -13.40
N CYS C 187 20.09 -18.88 -12.37
CA CYS C 187 19.75 -18.49 -11.00
C CYS C 187 20.56 -17.31 -10.48
N ALA C 188 21.72 -17.05 -11.09
CA ALA C 188 22.51 -15.88 -10.72
C ALA C 188 21.78 -14.61 -11.13
N ASN C 189 21.05 -14.69 -12.24
CA ASN C 189 20.31 -13.55 -12.77
C ASN C 189 18.89 -13.46 -12.23
N ALA C 190 18.34 -14.60 -11.82
CA ALA C 190 16.90 -14.70 -11.55
C ALA C 190 16.34 -13.49 -10.81
N PHE C 191 16.93 -13.15 -9.66
CA PHE C 191 16.33 -12.19 -8.76
C PHE C 191 17.00 -10.81 -8.82
N ASN C 192 17.72 -10.56 -9.90
CA ASN C 192 18.42 -9.30 -10.12
C ASN C 192 17.49 -8.08 -10.04
N ASN C 193 16.24 -8.24 -10.48
CA ASN C 193 15.30 -7.13 -10.50
C ASN C 193 14.83 -6.80 -9.09
N SER C 194 15.38 -7.49 -8.09
CA SER C 194 15.08 -7.24 -6.69
C SER C 194 16.32 -6.67 -6.01
N ILE C 195 16.11 -5.90 -4.94
CA ILE C 195 17.22 -5.49 -4.09
C ILE C 195 17.37 -6.55 -3.01
N ILE C 196 18.41 -7.37 -3.16
CA ILE C 196 18.65 -8.47 -2.22
C ILE C 196 19.94 -8.21 -1.44
N PRO C 197 19.99 -8.69 -0.18
CA PRO C 197 21.17 -8.47 0.65
C PRO C 197 22.45 -8.63 -0.17
N GLU C 198 23.44 -7.76 0.08
CA GLU C 198 24.73 -7.89 -0.60
C GLU C 198 25.34 -9.22 -0.19
N ASP C 199 24.84 -9.77 0.90
CA ASP C 199 25.37 -11.00 1.48
C ASP C 199 24.56 -12.25 1.10
N THR C 200 23.78 -12.18 0.03
CA THR C 200 22.99 -13.34 -0.41
C THR C 200 23.93 -14.44 -0.90
N PHE C 201 23.70 -15.65 -0.41
CA PHE C 201 24.56 -16.78 -0.70
C PHE C 201 24.24 -17.43 -2.04
N PHE C 202 25.22 -17.49 -2.92
CA PHE C 202 25.08 -18.19 -4.19
C PHE C 202 26.12 -19.31 -4.26
N PRO C 203 25.66 -20.56 -4.40
CA PRO C 203 26.54 -21.73 -4.46
C PRO C 203 27.57 -21.69 -5.58
N SER C 204 28.72 -22.31 -5.34
CA SER C 204 29.83 -22.32 -6.30
C SER C 204 30.90 -23.32 -5.85
N PRO C 205 31.94 -23.55 -6.67
CA PRO C 205 33.01 -24.49 -6.35
C PRO C 205 33.84 -24.12 -5.13
N GLU C 206 34.02 -22.83 -4.87
CA GLU C 206 34.61 -22.38 -3.62
C GLU C 206 33.66 -22.81 -2.53
N SER C 207 32.41 -22.41 -2.71
CA SER C 207 31.33 -22.81 -1.82
C SER C 207 31.09 -24.31 -1.93
N GLY D 2 -21.02 -26.58 13.89
CA GLY D 2 -22.32 -25.92 13.99
C GLY D 2 -23.14 -26.08 12.72
N PRO D 3 -24.09 -25.16 12.49
CA PRO D 3 -24.90 -25.21 11.26
C PRO D 3 -24.04 -24.88 10.05
N LYS D 4 -24.27 -25.57 8.93
CA LYS D 4 -23.48 -25.36 7.73
C LYS D 4 -24.35 -25.38 6.48
N VAL D 5 -24.17 -24.37 5.63
CA VAL D 5 -24.84 -24.30 4.34
C VAL D 5 -24.05 -25.16 3.34
N LEU D 6 -24.74 -26.00 2.57
CA LEU D 6 -24.08 -26.82 1.57
C LEU D 6 -24.33 -26.29 0.15
N GLN D 7 -23.36 -26.44 -0.73
CA GLN D 7 -23.53 -26.09 -2.13
C GLN D 7 -22.90 -27.14 -3.03
N ILE D 8 -23.61 -27.49 -4.09
CA ILE D 8 -23.07 -28.33 -5.14
C ILE D 8 -23.50 -27.76 -6.49
N PRO D 9 -22.63 -27.88 -7.49
CA PRO D 9 -21.31 -28.50 -7.38
C PRO D 9 -20.28 -27.44 -6.96
N SER D 10 -19.05 -27.86 -6.73
CA SER D 10 -17.99 -26.93 -6.28
C SER D 10 -17.49 -26.03 -7.41
N HIS D 11 -17.56 -26.54 -8.62
N HIS D 11 -17.48 -26.55 -8.63
CA HIS D 11 -17.22 -25.74 -9.77
CA HIS D 11 -16.94 -25.86 -9.81
C HIS D 11 -18.15 -26.11 -10.88
C HIS D 11 -17.79 -26.25 -11.03
N GLN D 12 -18.11 -25.30 -11.91
CA GLN D 12 -18.79 -25.64 -13.14
C GLN D 12 -18.24 -24.78 -14.27
N ILE D 13 -17.89 -25.42 -15.38
CA ILE D 13 -17.47 -24.70 -16.58
C ILE D 13 -18.58 -24.87 -17.62
N ILE D 14 -18.96 -23.78 -18.29
CA ILE D 14 -20.10 -23.82 -19.19
C ILE D 14 -19.87 -22.85 -20.34
N ASP D 15 -20.38 -23.20 -21.52
CA ASP D 15 -20.40 -22.31 -22.70
C ASP D 15 -21.35 -21.14 -22.47
N MET D 16 -21.07 -20.01 -23.14
CA MET D 16 -22.05 -18.93 -23.18
C MET D 16 -23.32 -19.45 -23.82
N GLY D 17 -24.43 -18.79 -23.51
CA GLY D 17 -25.69 -19.06 -24.16
C GLY D 17 -26.39 -20.26 -23.59
N GLN D 18 -25.75 -20.96 -22.66
CA GLN D 18 -26.36 -22.12 -22.05
C GLN D 18 -27.00 -21.76 -20.71
N MET D 19 -27.64 -22.74 -20.08
CA MET D 19 -28.35 -22.52 -18.83
C MET D 19 -27.64 -23.35 -17.77
N VAL D 20 -27.52 -22.80 -16.56
CA VAL D 20 -26.95 -23.53 -15.43
C VAL D 20 -27.79 -23.36 -14.18
N THR D 21 -27.78 -24.38 -13.34
CA THR D 21 -28.48 -24.37 -12.06
C THR D 21 -27.48 -24.62 -10.93
N LEU D 22 -27.40 -23.66 -10.01
CA LEU D 22 -26.61 -23.80 -8.81
C LEU D 22 -27.54 -24.16 -7.66
N ASN D 23 -27.14 -25.18 -6.91
CA ASN D 23 -27.94 -25.69 -5.82
C ASN D 23 -27.37 -25.33 -4.47
N CYS D 24 -28.26 -25.01 -3.55
CA CYS D 24 -27.88 -24.68 -2.21
C CYS D 24 -28.76 -25.44 -1.22
N ASP D 25 -28.15 -26.00 -0.19
CA ASP D 25 -28.92 -26.56 0.92
C ASP D 25 -28.73 -25.69 2.15
N PRO D 26 -29.71 -24.82 2.42
CA PRO D 26 -29.61 -23.87 3.55
C PRO D 26 -29.63 -24.59 4.88
N VAL D 27 -29.24 -23.91 5.96
CA VAL D 27 -29.34 -24.48 7.29
C VAL D 27 -30.80 -24.82 7.59
N SER D 28 -31.01 -26.03 8.10
CA SER D 28 -32.34 -26.61 8.29
C SER D 28 -33.45 -25.65 8.73
N ASN D 29 -33.35 -25.04 9.91
N ASN D 29 -33.27 -25.06 9.91
CA ASN D 29 -34.47 -24.21 10.37
CA ASN D 29 -34.28 -24.20 10.52
C ASN D 29 -34.44 -22.77 9.89
C ASN D 29 -34.14 -22.71 10.19
N HIS D 30 -33.43 -22.37 9.12
CA HIS D 30 -33.33 -20.97 8.68
C HIS D 30 -34.47 -20.56 7.77
N LEU D 31 -34.87 -19.29 7.87
CA LEU D 31 -36.02 -18.77 7.15
C LEU D 31 -35.62 -17.92 5.94
N TYR D 32 -34.41 -17.35 5.97
CA TYR D 32 -33.96 -16.48 4.87
C TYR D 32 -32.83 -17.11 4.09
N PHE D 33 -32.95 -17.14 2.75
CA PHE D 33 -31.91 -17.66 1.87
C PHE D 33 -31.41 -16.56 0.93
N TYR D 34 -30.12 -16.56 0.62
CA TYR D 34 -29.51 -15.47 -0.14
C TYR D 34 -28.60 -16.04 -1.19
N TRP D 35 -28.46 -15.32 -2.30
CA TRP D 35 -27.30 -15.51 -3.17
C TRP D 35 -26.42 -14.25 -3.19
N TYR D 36 -25.11 -14.49 -3.19
CA TYR D 36 -24.08 -13.45 -3.27
C TYR D 36 -23.14 -13.87 -4.37
N LYS D 37 -22.45 -12.91 -4.98
CA LYS D 37 -21.52 -13.17 -6.05
C LYS D 37 -20.18 -12.54 -5.64
N GLN D 38 -19.09 -13.31 -5.69
CA GLN D 38 -17.79 -12.72 -5.43
C GLN D 38 -17.00 -12.71 -6.72
N ILE D 39 -16.50 -11.54 -7.08
CA ILE D 39 -15.80 -11.32 -8.35
C ILE D 39 -14.30 -11.27 -8.11
N LEU D 40 -13.53 -12.00 -8.92
CA LEU D 40 -12.07 -11.99 -8.82
C LEU D 40 -11.55 -12.24 -7.40
N GLY D 41 -12.25 -13.09 -6.69
CA GLY D 41 -11.82 -13.54 -5.37
C GLY D 41 -11.79 -12.48 -4.28
N GLN D 42 -12.42 -11.33 -4.51
CA GLN D 42 -12.53 -10.35 -3.44
C GLN D 42 -13.90 -9.69 -3.33
N GLN D 43 -14.18 -8.74 -4.22
CA GLN D 43 -15.43 -7.99 -4.20
C GLN D 43 -16.68 -8.88 -4.06
N MET D 44 -17.48 -8.64 -3.03
CA MET D 44 -18.65 -9.45 -2.71
C MET D 44 -19.92 -8.62 -2.95
N GLU D 45 -20.88 -9.18 -3.69
CA GLU D 45 -22.07 -8.43 -4.09
C GLU D 45 -23.36 -9.22 -3.80
N PHE D 46 -24.30 -8.59 -3.12
CA PHE D 46 -25.62 -9.18 -2.94
C PHE D 46 -26.35 -9.30 -4.29
N LEU D 47 -27.02 -10.42 -4.52
CA LEU D 47 -27.85 -10.61 -5.71
C LEU D 47 -29.35 -10.62 -5.37
N VAL D 48 -29.76 -11.54 -4.49
CA VAL D 48 -31.18 -11.75 -4.22
C VAL D 48 -31.36 -12.50 -2.89
N ASN D 49 -32.47 -12.25 -2.19
CA ASN D 49 -32.86 -13.15 -1.10
C ASN D 49 -34.31 -13.55 -1.18
N PHE D 50 -34.67 -14.53 -0.38
CA PHE D 50 -35.88 -15.33 -0.61
C PHE D 50 -36.43 -15.68 0.74
N TYR D 51 -37.71 -15.45 0.95
CA TYR D 51 -38.36 -15.81 2.21
C TYR D 51 -39.80 -16.25 1.98
N ASN D 52 -40.21 -17.30 2.68
CA ASN D 52 -41.61 -17.73 2.63
C ASN D 52 -42.08 -17.94 1.21
N GLY D 53 -41.25 -18.59 0.39
CA GLY D 53 -41.60 -18.93 -0.97
C GLY D 53 -41.48 -17.83 -2.02
N LYS D 54 -40.90 -16.68 -1.68
CA LYS D 54 -40.84 -15.56 -2.61
C LYS D 54 -39.56 -14.71 -2.48
N VAL D 55 -39.09 -14.19 -3.60
CA VAL D 55 -38.04 -13.18 -3.57
C VAL D 55 -38.48 -11.98 -2.74
N MET D 56 -37.63 -11.57 -1.80
CA MET D 56 -37.92 -10.42 -0.95
C MET D 56 -37.24 -9.13 -1.43
N GLU D 57 -35.96 -9.25 -1.79
CA GLU D 57 -35.24 -8.11 -2.33
C GLU D 57 -34.13 -8.58 -3.24
N LYS D 58 -33.73 -7.71 -4.16
CA LYS D 58 -32.68 -8.03 -5.10
C LYS D 58 -31.86 -6.79 -5.42
N SER D 59 -30.68 -6.98 -5.99
CA SER D 59 -29.84 -5.84 -6.37
C SER D 59 -29.96 -5.67 -7.87
N LYS D 60 -29.33 -4.62 -8.38
CA LYS D 60 -29.30 -4.36 -9.81
C LYS D 60 -28.56 -5.46 -10.57
N LEU D 61 -27.72 -6.22 -9.87
CA LEU D 61 -27.01 -7.33 -10.50
C LEU D 61 -27.89 -8.56 -10.66
N PHE D 62 -29.07 -8.57 -10.07
CA PHE D 62 -29.98 -9.71 -10.29
C PHE D 62 -30.69 -9.52 -11.62
N LYS D 63 -30.07 -10.00 -12.68
CA LYS D 63 -30.53 -9.76 -14.05
C LYS D 63 -31.77 -10.56 -14.41
N ASP D 64 -32.41 -10.18 -15.50
CA ASP D 64 -33.56 -10.91 -16.02
C ASP D 64 -33.22 -12.37 -16.33
N GLN D 65 -31.94 -12.64 -16.57
CA GLN D 65 -31.50 -14.00 -16.89
C GLN D 65 -31.39 -14.88 -15.64
N PHE D 66 -31.55 -14.29 -14.45
CA PHE D 66 -31.50 -15.07 -13.21
C PHE D 66 -32.91 -15.40 -12.68
N SER D 67 -33.07 -16.58 -12.09
CA SER D 67 -34.27 -16.86 -11.32
C SER D 67 -33.96 -17.78 -10.14
N VAL D 68 -34.74 -17.68 -9.08
CA VAL D 68 -34.50 -18.48 -7.88
C VAL D 68 -35.79 -19.18 -7.45
N GLU D 69 -35.67 -20.37 -6.88
CA GLU D 69 -36.82 -21.07 -6.33
C GLU D 69 -36.42 -22.00 -5.20
N ARG D 70 -37.38 -22.46 -4.43
CA ARG D 70 -37.15 -23.49 -3.41
C ARG D 70 -38.40 -24.37 -3.24
N PRO D 71 -38.65 -25.27 -4.21
CA PRO D 71 -39.82 -26.16 -4.14
C PRO D 71 -39.69 -27.05 -2.90
N ASP D 72 -40.77 -27.21 -2.14
CA ASP D 72 -40.72 -28.11 -0.98
C ASP D 72 -39.97 -29.38 -1.38
N GLY D 73 -39.08 -29.83 -0.51
CA GLY D 73 -38.37 -31.09 -0.71
C GLY D 73 -37.22 -31.04 -1.70
N SER D 74 -36.76 -29.84 -2.06
CA SER D 74 -35.62 -29.73 -2.96
C SER D 74 -34.70 -28.54 -2.60
N TYR D 75 -33.67 -28.33 -3.40
CA TYR D 75 -32.67 -27.31 -3.12
C TYR D 75 -33.20 -25.90 -3.33
N PHE D 76 -32.58 -24.94 -2.65
CA PHE D 76 -32.68 -23.54 -3.04
C PHE D 76 -31.78 -23.39 -4.26
N THR D 77 -32.30 -22.84 -5.35
CA THR D 77 -31.53 -22.81 -6.59
C THR D 77 -31.42 -21.42 -7.18
N LEU D 78 -30.31 -21.21 -7.87
CA LEU D 78 -30.13 -20.04 -8.70
C LEU D 78 -29.94 -20.57 -10.09
N LYS D 79 -30.79 -20.11 -11.00
CA LYS D 79 -30.69 -20.51 -12.40
C LYS D 79 -30.29 -19.31 -13.24
N ILE D 80 -29.28 -19.49 -14.06
CA ILE D 80 -28.82 -18.46 -14.97
C ILE D 80 -29.04 -18.99 -16.38
N GLN D 81 -29.70 -18.18 -17.21
CA GLN D 81 -30.07 -18.59 -18.56
C GLN D 81 -30.55 -17.39 -19.35
N PRO D 82 -29.83 -17.05 -20.44
CA PRO D 82 -28.60 -17.70 -20.89
C PRO D 82 -27.41 -17.12 -20.16
N THR D 83 -26.35 -17.90 -20.03
CA THR D 83 -25.13 -17.44 -19.39
C THR D 83 -24.36 -16.48 -20.29
N ALA D 84 -23.69 -15.51 -19.66
CA ALA D 84 -22.78 -14.59 -20.36
C ALA D 84 -21.41 -14.64 -19.69
N LEU D 85 -20.38 -14.25 -20.41
CA LEU D 85 -19.02 -14.26 -19.89
C LEU D 85 -18.91 -13.52 -18.56
N GLU D 86 -19.73 -12.49 -18.39
CA GLU D 86 -19.68 -11.65 -17.19
C GLU D 86 -20.27 -12.36 -15.97
N ASP D 87 -20.86 -13.53 -16.19
CA ASP D 87 -21.43 -14.28 -15.08
C ASP D 87 -20.37 -15.13 -14.36
N SER D 88 -19.16 -15.19 -14.91
CA SER D 88 -18.08 -15.90 -14.23
C SER D 88 -17.83 -15.28 -12.85
N ALA D 89 -17.87 -16.11 -11.83
CA ALA D 89 -17.78 -15.64 -10.47
C ALA D 89 -17.88 -16.84 -9.58
N VAL D 90 -17.64 -16.62 -8.29
CA VAL D 90 -17.96 -17.64 -7.31
C VAL D 90 -19.29 -17.22 -6.69
N TYR D 91 -20.28 -18.10 -6.76
CA TYR D 91 -21.60 -17.83 -6.19
C TYR D 91 -21.75 -18.44 -4.81
N PHE D 92 -22.04 -17.59 -3.82
CA PHE D 92 -22.25 -18.05 -2.45
C PHE D 92 -23.72 -18.00 -2.08
N CYS D 93 -24.23 -19.12 -1.59
CA CYS D 93 -25.54 -19.18 -0.99
C CYS D 93 -25.32 -18.83 0.47
N ALA D 94 -26.32 -18.22 1.11
CA ALA D 94 -26.28 -18.00 2.54
C ALA D 94 -27.69 -18.17 3.09
N SER D 95 -27.79 -18.41 4.38
CA SER D 95 -29.10 -18.43 5.02
C SER D 95 -29.00 -17.83 6.40
N SER D 96 -30.09 -17.26 6.89
CA SER D 96 -30.11 -16.78 8.27
C SER D 96 -31.44 -17.15 8.93
N PHE D 97 -31.43 -17.13 10.25
CA PHE D 97 -32.55 -17.61 11.04
C PHE D 97 -33.66 -16.56 11.06
N TRP D 98 -33.58 -15.59 11.98
CA TRP D 98 -34.65 -14.60 12.10
C TRP D 98 -34.16 -13.34 12.81
N GLY D 99 -34.47 -12.18 12.21
CA GLY D 99 -34.12 -10.88 12.78
C GLY D 99 -32.96 -10.19 12.08
N ALA D 100 -32.85 -8.88 12.26
CA ALA D 100 -31.74 -8.12 11.69
C ALA D 100 -30.42 -8.51 12.34
N TYR D 101 -30.49 -8.93 13.58
CA TYR D 101 -29.31 -9.38 14.33
C TYR D 101 -28.82 -10.76 13.88
N ALA D 102 -29.57 -11.43 13.02
CA ALA D 102 -29.26 -12.81 12.65
C ALA D 102 -28.07 -12.88 11.71
N GLU D 103 -27.10 -13.71 12.08
CA GLU D 103 -25.90 -13.93 11.28
C GLU D 103 -26.24 -14.67 9.99
N GLN D 104 -25.67 -14.21 8.87
CA GLN D 104 -25.80 -14.96 7.64
C GLN D 104 -24.66 -15.96 7.53
N PHE D 105 -25.04 -17.24 7.40
CA PHE D 105 -24.11 -18.33 7.29
C PHE D 105 -23.90 -18.63 5.81
N PHE D 106 -22.65 -18.62 5.39
CA PHE D 106 -22.30 -18.76 3.96
C PHE D 106 -21.85 -20.17 3.65
N GLY D 107 -22.27 -20.68 2.49
CA GLY D 107 -21.80 -21.95 2.00
C GLY D 107 -20.41 -21.83 1.43
N PRO D 108 -19.87 -22.94 0.91
CA PRO D 108 -18.50 -23.02 0.38
C PRO D 108 -18.38 -22.39 -1.00
N GLY D 109 -19.51 -22.06 -1.61
CA GLY D 109 -19.47 -21.42 -2.91
C GLY D 109 -19.42 -22.36 -4.08
N THR D 110 -19.94 -21.89 -5.21
CA THR D 110 -19.78 -22.62 -6.45
C THR D 110 -19.08 -21.70 -7.40
N ARG D 111 -17.93 -22.13 -7.90
CA ARG D 111 -17.14 -21.36 -8.86
C ARG D 111 -17.66 -21.63 -10.26
N LEU D 112 -18.26 -20.63 -10.88
CA LEU D 112 -18.78 -20.73 -12.25
C LEU D 112 -17.86 -20.01 -13.24
N THR D 113 -17.42 -20.71 -14.28
CA THR D 113 -16.63 -20.11 -15.34
C THR D 113 -17.36 -20.31 -16.66
N VAL D 114 -17.79 -19.21 -17.26
CA VAL D 114 -18.45 -19.22 -18.55
C VAL D 114 -17.37 -18.91 -19.61
N LEU D 115 -17.19 -19.82 -20.57
CA LEU D 115 -16.12 -19.68 -21.57
C LEU D 115 -16.66 -19.50 -22.99
N GLU D 116 -15.93 -18.74 -23.80
CA GLU D 116 -16.24 -18.61 -25.24
C GLU D 116 -16.38 -19.99 -25.86
N ASP D 117 -15.35 -20.81 -25.67
CA ASP D 117 -15.35 -22.19 -26.13
C ASP D 117 -14.62 -23.02 -25.09
N LEU D 118 -14.95 -24.29 -24.97
CA LEU D 118 -14.36 -25.16 -23.96
C LEU D 118 -13.01 -25.74 -24.37
N ARG D 119 -12.56 -25.42 -25.58
CA ARG D 119 -11.37 -26.07 -26.14
C ARG D 119 -10.11 -25.67 -25.41
N ASN D 120 -10.15 -24.50 -24.76
CA ASN D 120 -8.97 -24.00 -24.06
C ASN D 120 -8.85 -24.57 -22.65
N VAL D 121 -9.87 -25.29 -22.20
CA VAL D 121 -9.78 -25.96 -20.90
C VAL D 121 -8.63 -26.96 -20.96
N THR D 122 -7.69 -26.83 -20.02
CA THR D 122 -6.47 -27.64 -20.00
C THR D 122 -6.02 -27.97 -18.57
N PRO D 123 -5.81 -29.26 -18.26
CA PRO D 123 -5.37 -29.63 -16.91
C PRO D 123 -3.92 -29.23 -16.67
N PRO D 124 -3.50 -29.17 -15.41
CA PRO D 124 -2.11 -28.74 -15.17
C PRO D 124 -1.11 -29.82 -15.52
N LYS D 125 0.11 -29.43 -15.85
CA LYS D 125 1.26 -30.35 -15.76
C LYS D 125 1.83 -30.11 -14.36
N VAL D 126 2.22 -31.18 -13.69
CA VAL D 126 2.72 -31.06 -12.32
C VAL D 126 4.15 -31.61 -12.24
N SER D 127 5.07 -30.81 -11.73
CA SER D 127 6.46 -31.22 -11.60
C SER D 127 6.97 -30.98 -10.18
N LEU D 128 7.63 -31.97 -9.62
CA LEU D 128 8.24 -31.83 -8.30
C LEU D 128 9.73 -31.59 -8.51
N PHE D 129 10.25 -30.53 -7.90
CA PHE D 129 11.67 -30.24 -7.97
C PHE D 129 12.32 -30.58 -6.63
N GLU D 130 13.37 -31.40 -6.70
CA GLU D 130 14.00 -31.95 -5.50
C GLU D 130 14.94 -30.94 -4.86
N PRO D 131 15.11 -31.05 -3.53
CA PRO D 131 15.92 -30.10 -2.78
C PRO D 131 17.32 -29.98 -3.33
N SER D 132 17.87 -28.77 -3.25
CA SER D 132 19.23 -28.50 -3.68
C SER D 132 20.17 -29.06 -2.62
N LYS D 133 21.10 -29.90 -3.06
CA LYS D 133 22.12 -30.44 -2.17
C LYS D 133 22.92 -29.30 -1.57
N ALA D 134 23.08 -28.22 -2.31
CA ALA D 134 23.72 -27.02 -1.78
C ALA D 134 22.92 -26.45 -0.60
N GLU D 135 21.60 -26.41 -0.72
CA GLU D 135 20.76 -25.96 0.40
C GLU D 135 20.96 -26.87 1.60
N ILE D 136 20.99 -28.18 1.34
CA ILE D 136 21.11 -29.16 2.42
C ILE D 136 22.41 -28.97 3.21
N SER D 137 23.52 -28.73 2.51
CA SER D 137 24.80 -28.62 3.19
C SER D 137 24.96 -27.23 3.82
N HIS D 138 24.18 -26.27 3.36
CA HIS D 138 24.27 -24.91 3.91
C HIS D 138 23.40 -24.73 5.13
N THR D 139 22.25 -25.42 5.16
CA THR D 139 21.24 -25.17 6.19
C THR D 139 20.81 -26.44 6.91
N GLN D 140 21.23 -27.59 6.38
CA GLN D 140 20.74 -28.89 6.85
C GLN D 140 19.22 -29.01 6.69
N LYS D 141 18.66 -28.24 5.76
CA LYS D 141 17.24 -28.36 5.45
C LYS D 141 17.04 -28.59 3.96
N ALA D 142 15.88 -29.12 3.62
CA ALA D 142 15.59 -29.49 2.25
C ALA D 142 14.21 -28.96 1.84
N THR D 143 14.21 -28.08 0.86
CA THR D 143 12.98 -27.50 0.35
C THR D 143 12.60 -28.12 -1.00
N LEU D 144 11.47 -28.81 -1.02
CA LEU D 144 10.88 -29.29 -2.25
C LEU D 144 10.01 -28.17 -2.82
N VAL D 145 10.05 -27.99 -4.12
CA VAL D 145 9.13 -27.06 -4.75
C VAL D 145 8.27 -27.82 -5.76
N CYS D 146 6.97 -27.52 -5.78
CA CYS D 146 6.07 -28.08 -6.76
C CYS D 146 5.62 -26.99 -7.71
N LEU D 147 5.56 -27.30 -8.99
CA LEU D 147 5.00 -26.39 -9.97
C LEU D 147 3.83 -27.05 -10.68
N ALA D 148 2.71 -26.35 -10.75
CA ALA D 148 1.63 -26.75 -11.60
C ALA D 148 1.54 -25.69 -12.70
N THR D 149 1.70 -26.11 -13.96
CA THR D 149 1.77 -25.16 -15.08
C THR D 149 0.79 -25.51 -16.21
N GLY D 150 0.49 -24.52 -17.05
CA GLY D 150 -0.27 -24.76 -18.26
C GLY D 150 -1.75 -25.07 -18.05
N PHE D 151 -2.31 -24.75 -16.89
CA PHE D 151 -3.73 -25.05 -16.68
C PHE D 151 -4.67 -23.88 -16.96
N TYR D 152 -5.89 -24.22 -17.37
CA TYR D 152 -6.93 -23.25 -17.63
C TYR D 152 -8.28 -23.98 -17.52
N PRO D 153 -9.26 -23.37 -16.83
CA PRO D 153 -9.16 -22.08 -16.17
C PRO D 153 -8.43 -22.20 -14.83
N ASP D 154 -8.49 -21.16 -14.03
CA ASP D 154 -7.84 -21.16 -12.72
C ASP D 154 -8.64 -21.99 -11.72
N HIS D 155 -8.65 -23.30 -11.88
CA HIS D 155 -9.47 -24.20 -11.07
C HIS D 155 -8.62 -25.27 -10.42
N VAL D 156 -7.79 -24.96 -9.42
CA VAL D 156 -6.98 -26.01 -8.79
C VAL D 156 -6.85 -25.86 -7.29
N GLU D 157 -6.62 -26.99 -6.64
CA GLU D 157 -6.27 -27.04 -5.23
C GLU D 157 -5.05 -27.94 -5.11
N LEU D 158 -3.98 -27.38 -4.56
CA LEU D 158 -2.73 -28.09 -4.44
C LEU D 158 -2.53 -28.54 -3.00
N SER D 159 -2.12 -29.79 -2.82
CA SER D 159 -1.80 -30.31 -1.49
C SER D 159 -0.53 -31.15 -1.53
N TRP D 160 0.13 -31.24 -0.38
CA TRP D 160 1.33 -32.07 -0.25
C TRP D 160 0.99 -33.31 0.58
N TRP D 161 1.57 -34.44 0.20
CA TRP D 161 1.37 -35.70 0.90
C TRP D 161 2.71 -36.36 1.21
N VAL D 162 2.92 -36.68 2.47
CA VAL D 162 4.14 -37.36 2.90
C VAL D 162 3.76 -38.73 3.46
N ASN D 163 4.32 -39.77 2.86
CA ASN D 163 4.02 -41.13 3.28
C ASN D 163 2.52 -41.40 3.29
N GLY D 164 1.81 -40.82 2.33
CA GLY D 164 0.40 -41.16 2.13
C GLY D 164 -0.54 -40.28 2.93
N LYS D 165 0.02 -39.38 3.74
CA LYS D 165 -0.83 -38.48 4.53
C LYS D 165 -0.60 -37.00 4.19
N GLU D 166 -1.71 -36.29 4.04
CA GLU D 166 -1.66 -34.86 3.76
C GLU D 166 -0.97 -34.11 4.90
N VAL D 167 -0.04 -33.21 4.56
CA VAL D 167 0.64 -32.39 5.56
C VAL D 167 0.37 -30.89 5.34
N HIS D 168 0.59 -30.09 6.37
CA HIS D 168 0.44 -28.64 6.27
C HIS D 168 1.67 -27.94 6.83
N SER D 169 2.27 -28.51 7.86
CA SER D 169 3.48 -27.97 8.44
C SER D 169 4.61 -27.95 7.41
N GLY D 170 5.29 -26.81 7.28
CA GLY D 170 6.43 -26.73 6.37
C GLY D 170 6.01 -26.40 4.96
N VAL D 171 4.73 -26.14 4.78
CA VAL D 171 4.18 -25.86 3.45
C VAL D 171 3.82 -24.40 3.27
N CYS D 172 4.08 -23.87 2.08
CA CYS D 172 3.46 -22.64 1.71
C CYS D 172 3.24 -22.59 0.21
N THR D 173 2.03 -22.21 -0.17
CA THR D 173 1.60 -22.23 -1.55
C THR D 173 1.23 -20.81 -1.93
N ASP D 174 1.62 -20.37 -3.13
CA ASP D 174 1.24 -19.06 -3.60
C ASP D 174 -0.23 -18.81 -3.30
N PRO D 175 -0.57 -17.62 -2.82
CA PRO D 175 -1.99 -17.35 -2.56
C PRO D 175 -2.85 -17.44 -3.83
N GLN D 176 -2.29 -17.12 -5.00
CA GLN D 176 -3.05 -17.28 -6.24
C GLN D 176 -2.16 -17.67 -7.42
N PRO D 177 -2.71 -18.43 -8.37
CA PRO D 177 -1.98 -18.75 -9.60
C PRO D 177 -1.59 -17.47 -10.32
N LEU D 178 -0.43 -17.48 -10.98
CA LEU D 178 -0.06 -16.35 -11.81
C LEU D 178 -0.37 -16.65 -13.27
N LYS D 179 -0.63 -15.62 -14.04
CA LYS D 179 -0.86 -15.75 -15.47
C LYS D 179 0.46 -15.90 -16.22
N GLU D 180 0.57 -16.96 -17.01
CA GLU D 180 1.79 -17.22 -17.77
C GLU D 180 1.96 -16.21 -18.90
N GLN D 181 0.86 -15.54 -19.26
CA GLN D 181 0.88 -14.51 -20.28
C GLN D 181 -0.12 -13.43 -19.90
N PRO D 182 0.27 -12.55 -18.98
CA PRO D 182 -0.56 -11.54 -18.34
C PRO D 182 -1.29 -10.59 -19.30
N ALA D 183 -0.80 -10.46 -20.53
CA ALA D 183 -1.46 -9.60 -21.51
C ALA D 183 -2.74 -10.24 -22.04
N LEU D 184 -2.75 -11.56 -22.09
CA LEU D 184 -3.83 -12.30 -22.72
C LEU D 184 -5.01 -12.56 -21.78
N ASN D 185 -6.23 -12.33 -22.26
CA ASN D 185 -7.38 -12.47 -21.39
C ASN D 185 -7.81 -13.93 -21.24
N ASP D 186 -7.16 -14.84 -21.96
CA ASP D 186 -7.38 -16.27 -21.73
C ASP D 186 -6.07 -17.00 -21.44
N SER D 187 -5.12 -16.27 -20.85
CA SER D 187 -3.85 -16.85 -20.43
C SER D 187 -4.01 -18.09 -19.57
N ARG D 188 -3.15 -19.09 -19.80
CA ARG D 188 -3.07 -20.24 -18.89
C ARG D 188 -2.34 -19.80 -17.63
N TYR D 189 -2.36 -20.63 -16.59
CA TYR D 189 -1.88 -20.24 -15.27
C TYR D 189 -0.83 -21.20 -14.72
N SER D 190 0.00 -20.70 -13.81
CA SER D 190 0.93 -21.54 -13.09
C SER D 190 0.74 -21.32 -11.60
N LEU D 191 1.16 -22.29 -10.80
CA LEU D 191 1.07 -22.18 -9.35
C LEU D 191 2.29 -22.90 -8.76
N SER D 192 2.96 -22.31 -7.79
CA SER D 192 4.10 -22.96 -7.15
C SER D 192 3.82 -23.15 -5.68
N SER D 193 4.42 -24.18 -5.09
CA SER D 193 4.31 -24.40 -3.65
C SER D 193 5.63 -24.97 -3.14
N ARG D 194 5.89 -24.81 -1.84
CA ARG D 194 7.09 -25.36 -1.25
C ARG D 194 6.71 -26.25 -0.09
N LEU D 195 7.49 -27.30 0.12
CA LEU D 195 7.39 -28.11 1.31
C LEU D 195 8.80 -28.26 1.85
N ARG D 196 9.02 -27.87 3.09
CA ARG D 196 10.37 -27.89 3.65
C ARG D 196 10.46 -28.79 4.88
N VAL D 197 11.45 -29.68 4.87
CA VAL D 197 11.66 -30.66 5.94
C VAL D 197 13.14 -30.66 6.31
N SER D 198 13.50 -31.36 7.39
CA SER D 198 14.92 -31.43 7.75
C SER D 198 15.67 -32.25 6.69
N ALA D 199 16.96 -31.99 6.56
CA ALA D 199 17.78 -32.69 5.58
C ALA D 199 17.73 -34.20 5.83
N THR D 200 17.71 -34.59 7.10
CA THR D 200 17.70 -36.01 7.42
C THR D 200 16.43 -36.67 6.89
N PHE D 201 15.28 -36.05 7.14
CA PHE D 201 14.01 -36.60 6.69
C PHE D 201 14.04 -36.76 5.17
N TRP D 202 14.49 -35.75 4.46
CA TRP D 202 14.59 -35.85 3.00
C TRP D 202 15.57 -36.95 2.55
N GLN D 203 16.65 -37.14 3.31
CA GLN D 203 17.71 -38.06 2.91
C GLN D 203 17.38 -39.51 3.24
N ASN D 204 16.21 -39.71 3.82
CA ASN D 204 15.71 -41.05 4.15
C ASN D 204 14.91 -41.61 2.97
N PRO D 205 15.47 -42.61 2.26
CA PRO D 205 14.81 -43.18 1.08
C PRO D 205 13.48 -43.87 1.37
N ARG D 206 13.18 -44.14 2.63
CA ARG D 206 11.90 -44.71 3.01
C ARG D 206 10.77 -43.68 2.97
N ASN D 207 11.13 -42.40 2.84
CA ASN D 207 10.13 -41.33 2.87
C ASN D 207 9.63 -40.99 1.48
N HIS D 208 8.32 -40.79 1.38
CA HIS D 208 7.68 -40.58 0.10
C HIS D 208 7.01 -39.21 0.06
N PHE D 209 7.24 -38.48 -1.02
CA PHE D 209 6.74 -37.13 -1.15
C PHE D 209 5.94 -37.03 -2.44
N ARG D 210 4.78 -36.38 -2.37
CA ARG D 210 3.91 -36.24 -3.51
C ARG D 210 3.26 -34.88 -3.47
N CYS D 211 3.35 -34.17 -4.59
CA CYS D 211 2.59 -32.96 -4.77
C CYS D 211 1.34 -33.36 -5.53
N GLN D 212 0.17 -32.98 -5.03
CA GLN D 212 -1.09 -33.38 -5.65
C GLN D 212 -1.86 -32.15 -6.05
N VAL D 213 -2.30 -32.10 -7.30
CA VAL D 213 -3.12 -30.97 -7.74
C VAL D 213 -4.47 -31.43 -8.28
N GLN D 214 -5.53 -31.11 -7.55
CA GLN D 214 -6.90 -31.36 -8.00
C GLN D 214 -7.28 -30.28 -9.00
N PHE D 215 -7.66 -30.69 -10.20
CA PHE D 215 -8.08 -29.76 -11.24
C PHE D 215 -9.58 -29.92 -11.40
N TYR D 216 -10.28 -28.81 -11.59
CA TYR D 216 -11.72 -28.85 -11.80
C TYR D 216 -11.98 -28.46 -13.24
N GLY D 217 -12.38 -29.43 -14.04
CA GLY D 217 -12.44 -29.25 -15.48
C GLY D 217 -13.82 -29.50 -16.04
N LEU D 218 -13.88 -30.03 -17.25
CA LEU D 218 -15.15 -30.38 -17.88
C LEU D 218 -15.80 -31.58 -17.21
N SER D 219 -17.08 -31.78 -17.50
CA SER D 219 -17.82 -32.95 -17.02
C SER D 219 -17.46 -34.19 -17.84
N ASN D 221 -19.51 -36.19 -19.16
CA ASN D 221 -20.88 -35.85 -19.50
C ASN D 221 -20.97 -34.70 -20.50
N ASP D 222 -19.82 -34.12 -20.85
CA ASP D 222 -19.77 -32.98 -21.76
C ASP D 222 -19.09 -33.36 -23.07
N GLU D 223 -19.33 -32.57 -24.11
CA GLU D 223 -18.91 -32.93 -25.46
C GLU D 223 -17.46 -32.53 -25.73
N TRP D 224 -16.70 -33.47 -26.28
CA TRP D 224 -15.31 -33.21 -26.62
C TRP D 224 -14.93 -34.04 -27.84
N THR D 225 -14.44 -33.37 -28.88
CA THR D 225 -14.09 -34.05 -30.13
C THR D 225 -12.61 -33.91 -30.47
N GLN D 226 -11.88 -33.12 -29.68
N GLN D 226 -11.88 -33.12 -29.69
CA GLN D 226 -10.50 -32.78 -30.01
CA GLN D 226 -10.50 -32.78 -30.05
C GLN D 226 -9.55 -33.96 -29.85
C GLN D 226 -9.54 -33.96 -29.83
N ASP D 227 -8.34 -33.81 -30.39
CA ASP D 227 -7.32 -34.86 -30.32
C ASP D 227 -6.94 -35.20 -28.89
N ARG D 228 -6.55 -34.18 -28.12
CA ARG D 228 -6.11 -34.37 -26.73
C ARG D 228 -7.20 -35.07 -25.92
N ALA D 229 -6.81 -35.66 -24.79
CA ALA D 229 -7.77 -36.27 -23.89
C ALA D 229 -8.77 -35.21 -23.42
N LYS D 230 -9.98 -35.62 -23.09
CA LYS D 230 -10.96 -34.67 -22.58
C LYS D 230 -10.46 -34.12 -21.24
N PRO D 231 -10.33 -32.79 -21.12
CA PRO D 231 -9.78 -32.17 -19.90
C PRO D 231 -10.75 -32.20 -18.72
N VAL D 232 -11.05 -33.40 -18.22
CA VAL D 232 -12.05 -33.58 -17.17
C VAL D 232 -11.48 -33.25 -15.79
N THR D 233 -12.36 -33.00 -14.83
CA THR D 233 -11.98 -32.95 -13.43
C THR D 233 -11.11 -34.15 -13.08
N GLN D 234 -9.93 -33.88 -12.54
CA GLN D 234 -8.94 -34.95 -12.33
C GLN D 234 -7.87 -34.53 -11.34
N ILE D 235 -7.18 -35.54 -10.81
CA ILE D 235 -6.03 -35.31 -9.97
C ILE D 235 -4.78 -35.56 -10.80
N VAL D 236 -3.82 -34.64 -10.71
CA VAL D 236 -2.52 -34.77 -11.34
C VAL D 236 -1.47 -34.57 -10.27
N SER D 237 -0.54 -35.52 -10.15
CA SER D 237 0.48 -35.48 -9.11
C SER D 237 1.88 -35.71 -9.67
N ALA D 238 2.87 -35.37 -8.85
CA ALA D 238 4.24 -35.73 -9.14
C ALA D 238 4.81 -36.19 -7.81
N GLU D 239 5.71 -37.17 -7.83
CA GLU D 239 6.19 -37.74 -6.59
C GLU D 239 7.69 -37.98 -6.65
N ALA D 240 8.28 -38.19 -5.48
CA ALA D 240 9.69 -38.51 -5.38
C ALA D 240 9.92 -39.18 -4.04
N TRP D 241 10.82 -40.15 -4.00
CA TRP D 241 11.28 -40.73 -2.75
C TRP D 241 12.45 -39.90 -2.23
N GLY D 242 12.63 -39.87 -0.92
CA GLY D 242 13.78 -39.23 -0.32
C GLY D 242 15.02 -39.97 -0.78
N ARG D 243 16.18 -39.33 -0.68
CA ARG D 243 17.42 -39.95 -1.13
C ARG D 243 18.61 -39.37 -0.38
N ALA D 244 19.52 -40.24 0.04
CA ALA D 244 20.66 -39.83 0.84
C ALA D 244 21.66 -39.03 -0.01
C ACT E . -6.60 16.92 18.89
O ACT E . -5.91 16.63 17.88
OXT ACT E . -6.36 18.03 19.41
CH3 ACT E . -7.64 15.97 19.45
H1 ACT E . -8.10 16.42 20.33
H2 ACT E . -8.40 15.78 18.69
H3 ACT E . -7.17 15.03 19.73
C ACT F . 3.01 23.71 -20.34
O ACT F . 3.69 22.82 -20.91
OXT ACT F . 1.78 23.73 -20.62
CH3 ACT F . 3.63 24.70 -19.40
H1 ACT F . 2.86 25.38 -19.04
H2 ACT F . 4.41 25.26 -19.92
H3 ACT F . 4.08 24.17 -18.56
C FMT G . 7.77 21.38 -18.23
O1 FMT G . 7.65 20.87 -17.11
O2 FMT G . 8.49 20.88 -19.11
H FMT G . 7.25 22.30 -18.48
C ACT H . 10.01 16.32 4.89
O ACT H . 10.90 16.91 5.55
OXT ACT H . 9.38 17.05 4.08
CH3 ACT H . 9.71 14.84 5.06
H1 ACT H . 8.90 14.56 4.39
H2 ACT H . 10.61 14.27 4.81
H3 ACT H . 9.42 14.65 6.08
C1 MLI I . 5.30 15.87 24.16
C2 MLI I . 3.99 16.55 23.91
C3 MLI I . 5.34 14.47 24.67
O6 MLI I . 3.95 17.75 23.53
O7 MLI I . 2.90 15.91 24.06
O8 MLI I . 4.36 13.94 25.29
O9 MLI I . 6.40 13.78 24.50
H11 MLI I . 5.86 15.89 23.22
H12 MLI I . 5.84 16.49 24.85
C ACT J . 36.94 25.58 3.96
O ACT J . 37.18 26.07 5.09
OXT ACT J . 36.51 24.40 3.95
CH3 ACT J . 37.16 26.35 2.68
H1 ACT J . 36.88 25.72 1.83
H2 ACT J . 38.20 26.63 2.60
H3 ACT J . 36.54 27.24 2.69
C ACT K . 10.84 29.96 20.21
O ACT K . 10.76 29.72 21.44
OXT ACT K . 11.97 29.83 19.70
CH3 ACT K . 9.64 30.40 19.40
H1 ACT K . 9.94 30.54 18.37
H2 ACT K . 9.25 31.33 19.81
H3 ACT K . 8.88 29.62 19.45
C FMT L . 21.93 33.24 20.46
O1 FMT L . 21.85 32.95 21.67
O2 FMT L . 21.53 34.32 20.02
H FMT L . 22.36 32.54 19.75
C FMT M . 19.15 17.75 -1.55
O1 FMT M . 19.58 18.25 -0.49
O2 FMT M . 19.68 17.97 -2.64
H FMT M . 18.29 17.09 -1.53
C FMT N . -16.46 33.28 -1.71
O1 FMT N . -16.96 34.17 -2.41
O2 FMT N . -15.41 32.70 -2.03
H FMT N . -16.94 32.97 -0.77
C FMT O . -5.62 1.07 22.11
O1 FMT O . -4.52 0.51 22.09
O2 FMT O . -6.14 1.41 23.18
H FMT O . -6.16 1.27 21.19
C FMT P . 14.39 -17.62 12.24
O1 FMT P . 13.35 -18.20 11.90
O2 FMT P . 15.44 -17.70 11.59
H FMT P . 14.41 -17.01 13.14
C FMT Q . -11.23 -15.82 -1.70
O1 FMT Q . -11.29 -17.05 -1.72
O2 FMT Q . -10.17 -15.22 -1.64
H FMT Q . -12.15 -15.23 -1.73
#